data_1EK1
#
_entry.id   1EK1
#
_cell.length_a   151.900
_cell.length_b   143.000
_cell.length_c   60.000
_cell.angle_alpha   90.00
_cell.angle_beta   90.00
_cell.angle_gamma   90.00
#
_symmetry.space_group_name_H-M   'P 21 21 2'
#
loop_
_entity.id
_entity.type
_entity.pdbx_description
1 polymer 'EPOXIDE HYDROLASE'
2 non-polymer "N-CYCLOHEXYL-N'-(4-IODOPHENYL)UREA"
3 water water
#
_entity_poly.entity_id   1
_entity_poly.type   'polypeptide(L)'
_entity_poly.pdbx_seq_one_letter_code
;MALRVAAFDLDGVLALPSIAGAFRRSEEALALPRDFLLGAYQTEFPEGPTEQLMKGKITFSQWVPLMDESYRKSSKACGA
NLPENFSISQIFSQAMAARSINRPMLQAAIALKKKGFTTCIVTNNWLDDGDKRDSLAQMMCELSQHFDFLIESCQVGMIK
PEPQIYNFLLDTLKAKPNEVVFLDDFGSNLKPARDMGMVTILVHNTASALRELEKVTGTQFPEAPLPVPCNPNDVSHGYV
TVKPGIRLHFVEMGSGPALCLCHGFPESWFSWRYQIPALAQAGFRVLAIDMKGYGDSSSPPEIEEYAMELLCKEMVTFLD
KLGIPQAVFIGHDWAGVMVWNMALFYPERVRAVASLNTPFMPPDPDVSPMKVIRSIPVFNYQLYFQEPGVAEAELEKNMS
RTFKSFFRASDETGFIAVHKATEIGGILVNTPEDPNLSKITTEEEIEFYIQQFKKTGFRGPLNWYRNTERNWKWSCKGLG
RKILVPALMVTAEKDIVLRPEMSKNMEKWIPFLKRGHIEDCGHWTQIEKPTEVNQILIKWLQTEVQNPSVTSKI
;
_entity_poly.pdbx_strand_id   A,B
#
loop_
_chem_comp.id
_chem_comp.type
_chem_comp.name
_chem_comp.formula
CIU non-polymer N-CYCLOHEXYL-N'-(4-IODOPHENYL)UREA 'C13 H17 I N2 O'
#
# COMPACT_ATOMS: atom_id res chain seq x y z
N ARG A 4 -7.14 -33.83 18.73
CA ARG A 4 -8.41 -33.69 17.98
C ARG A 4 -8.55 -32.38 17.22
N VAL A 5 -9.77 -32.12 16.80
CA VAL A 5 -10.07 -30.93 16.05
C VAL A 5 -11.30 -30.30 16.73
N ALA A 6 -11.46 -29.01 16.52
CA ALA A 6 -12.59 -28.31 17.12
C ALA A 6 -13.29 -27.49 16.06
N ALA A 7 -14.60 -27.55 16.08
CA ALA A 7 -15.34 -26.79 15.12
C ALA A 7 -16.54 -26.07 15.74
N PHE A 8 -16.88 -24.96 15.11
CA PHE A 8 -18.00 -24.15 15.55
C PHE A 8 -18.65 -23.66 14.30
N ASP A 9 -19.88 -23.16 14.45
CA ASP A 9 -20.65 -22.61 13.34
C ASP A 9 -20.69 -21.12 13.57
N LEU A 10 -21.00 -20.39 12.51
CA LEU A 10 -21.07 -18.96 12.56
C LEU A 10 -22.48 -18.40 12.75
N ASP A 11 -23.49 -19.07 12.17
CA ASP A 11 -24.94 -18.68 12.17
C ASP A 11 -25.27 -17.70 13.31
N GLY A 12 -24.55 -17.93 14.42
CA GLY A 12 -24.60 -17.17 15.67
C GLY A 12 -23.64 -17.64 16.80
N VAL A 13 -22.69 -18.56 16.53
CA VAL A 13 -21.77 -19.02 17.60
C VAL A 13 -20.42 -18.31 17.57
N LEU A 14 -20.02 -17.79 16.41
CA LEU A 14 -18.74 -17.12 16.35
C LEU A 14 -19.01 -15.71 15.90
N ALA A 15 -20.29 -15.37 15.84
CA ALA A 15 -20.70 -14.02 15.42
C ALA A 15 -22.14 -13.83 15.84
N LEU A 16 -22.47 -12.59 16.11
CA LEU A 16 -23.80 -12.29 16.54
C LEU A 16 -23.87 -10.78 16.75
N PRO A 17 -25.01 -10.27 17.26
CA PRO A 17 -26.21 -11.04 17.64
C PRO A 17 -26.56 -12.06 16.56
N SER A 18 -27.10 -13.20 16.95
CA SER A 18 -27.45 -14.21 15.96
C SER A 18 -28.38 -13.71 14.83
N ILE A 19 -29.15 -14.63 14.26
CA ILE A 19 -30.08 -14.32 13.17
C ILE A 19 -31.41 -15.02 13.40
N GLY A 48 -37.72 -21.95 1.06
CA GLY A 48 -37.79 -22.50 -0.35
C GLY A 48 -36.64 -21.99 -1.17
N PRO A 49 -36.72 -20.73 -1.68
CA PRO A 49 -35.62 -20.15 -2.47
C PRO A 49 -34.60 -19.73 -1.41
N THR A 50 -35.09 -19.63 -0.18
CA THR A 50 -34.29 -19.28 1.00
C THR A 50 -33.56 -20.54 1.47
N GLU A 51 -34.29 -21.65 1.47
CA GLU A 51 -33.77 -22.95 1.91
C GLU A 51 -32.59 -23.48 1.07
N GLN A 52 -32.52 -23.11 -0.21
CA GLN A 52 -31.44 -23.62 -1.02
C GLN A 52 -30.41 -22.59 -1.53
N LEU A 53 -30.68 -21.30 -1.29
CA LEU A 53 -29.73 -20.25 -1.71
C LEU A 53 -28.59 -20.42 -0.74
N MET A 54 -28.87 -21.19 0.28
CA MET A 54 -27.92 -21.53 1.31
C MET A 54 -26.93 -22.49 0.63
N LYS A 55 -27.47 -23.36 -0.23
CA LYS A 55 -26.70 -24.38 -0.96
C LYS A 55 -25.86 -23.70 -2.04
N GLY A 56 -26.23 -22.48 -2.38
CA GLY A 56 -25.49 -21.71 -3.35
C GLY A 56 -26.05 -21.63 -4.75
N LYS A 57 -27.30 -22.02 -4.95
CA LYS A 57 -27.84 -21.98 -6.31
C LYS A 57 -28.36 -20.59 -6.70
N ILE A 58 -28.47 -19.73 -5.69
CA ILE A 58 -28.92 -18.36 -5.91
C ILE A 58 -28.25 -17.38 -4.96
N THR A 59 -28.18 -16.12 -5.38
CA THR A 59 -27.60 -15.08 -4.54
C THR A 59 -28.65 -14.50 -3.59
N PHE A 60 -28.35 -13.32 -3.05
CA PHE A 60 -29.25 -12.67 -2.11
C PHE A 60 -30.29 -11.86 -2.86
N SER A 61 -29.77 -10.87 -3.58
CA SER A 61 -30.57 -9.97 -4.37
C SER A 61 -31.57 -10.76 -5.21
N GLN A 62 -31.05 -11.75 -5.97
CA GLN A 62 -31.86 -12.67 -6.79
C GLN A 62 -32.46 -13.68 -5.78
N TRP A 63 -33.53 -13.23 -5.13
CA TRP A 63 -34.24 -13.97 -4.06
C TRP A 63 -35.08 -12.89 -3.35
N VAL A 64 -36.08 -12.39 -4.07
CA VAL A 64 -36.97 -11.40 -3.51
C VAL A 64 -38.38 -11.99 -3.56
N PRO A 65 -38.57 -13.16 -2.91
CA PRO A 65 -39.84 -13.86 -2.83
C PRO A 65 -40.33 -13.73 -1.38
N LEU A 66 -40.70 -14.89 -0.83
CA LEU A 66 -41.19 -15.04 0.54
C LEU A 66 -41.01 -13.80 1.45
N GLN A 90 -37.61 -8.31 3.25
CA GLN A 90 -36.18 -8.10 2.86
C GLN A 90 -35.33 -7.72 4.05
N ILE A 91 -35.85 -6.71 4.77
CA ILE A 91 -35.29 -6.06 5.97
C ILE A 91 -34.30 -6.77 6.92
N PHE A 92 -33.07 -6.97 6.47
CA PHE A 92 -32.07 -7.60 7.30
C PHE A 92 -30.71 -7.39 6.65
N SER A 93 -30.73 -6.71 5.51
CA SER A 93 -29.48 -6.38 4.83
C SER A 93 -28.72 -5.54 5.85
N GLN A 94 -29.32 -5.42 7.05
CA GLN A 94 -28.73 -4.69 8.17
C GLN A 94 -28.58 -5.69 9.34
N ALA A 95 -29.57 -6.56 9.54
CA ALA A 95 -29.54 -7.56 10.61
C ALA A 95 -28.16 -8.22 10.67
N MET A 96 -27.63 -8.48 9.48
CA MET A 96 -26.31 -9.10 9.33
C MET A 96 -25.26 -8.04 9.67
N ALA A 97 -25.55 -6.79 9.29
CA ALA A 97 -24.63 -5.69 9.57
C ALA A 97 -24.42 -5.62 11.08
N ALA A 98 -25.49 -5.37 11.81
CA ALA A 98 -25.45 -5.24 13.25
C ALA A 98 -25.00 -6.52 14.02
N ARG A 99 -24.15 -7.33 13.42
CA ARG A 99 -23.67 -8.54 14.08
C ARG A 99 -22.17 -8.58 13.81
N SER A 100 -21.38 -8.58 14.90
CA SER A 100 -19.91 -8.57 14.81
C SER A 100 -19.31 -9.87 15.40
N ILE A 101 -17.98 -9.90 15.62
CA ILE A 101 -17.37 -11.12 16.15
C ILE A 101 -17.65 -11.27 17.61
N ASN A 102 -17.70 -12.55 17.98
CA ASN A 102 -17.93 -13.04 19.33
C ASN A 102 -16.54 -13.40 19.79
N ARG A 103 -15.84 -12.36 20.23
CA ARG A 103 -14.45 -12.36 20.68
C ARG A 103 -13.95 -13.41 21.67
N PRO A 104 -14.68 -13.65 22.77
CA PRO A 104 -14.27 -14.65 23.78
C PRO A 104 -14.25 -16.01 23.10
N MET A 105 -15.20 -16.16 22.17
CA MET A 105 -15.39 -17.33 21.35
C MET A 105 -14.29 -17.40 20.26
N LEU A 106 -14.06 -16.27 19.58
CA LEU A 106 -13.04 -16.20 18.54
C LEU A 106 -11.67 -16.44 19.17
N GLN A 107 -11.52 -16.02 20.41
CA GLN A 107 -10.25 -16.20 21.10
C GLN A 107 -10.05 -17.69 21.44
N ALA A 108 -11.15 -18.33 21.87
CA ALA A 108 -11.10 -19.75 22.22
C ALA A 108 -10.38 -20.52 21.12
N ALA A 109 -10.59 -20.07 19.89
CA ALA A 109 -10.00 -20.68 18.68
C ALA A 109 -8.47 -20.61 18.57
N ILE A 110 -7.96 -19.38 18.54
CA ILE A 110 -6.51 -19.09 18.45
C ILE A 110 -5.75 -19.85 19.52
N ALA A 111 -6.46 -20.03 20.61
CA ALA A 111 -5.98 -20.76 21.75
C ALA A 111 -5.73 -22.13 21.13
N LEU A 112 -6.80 -22.92 21.04
CA LEU A 112 -6.76 -24.28 20.51
C LEU A 112 -5.82 -24.49 19.33
N LYS A 113 -5.75 -23.49 18.46
CA LYS A 113 -4.88 -23.53 17.29
C LYS A 113 -3.44 -23.41 17.81
N LYS A 114 -3.22 -22.48 18.74
CA LYS A 114 -1.90 -22.35 19.32
C LYS A 114 -1.67 -23.72 20.00
N LYS A 115 -2.71 -24.23 20.66
CA LYS A 115 -2.68 -25.51 21.38
C LYS A 115 -2.38 -26.77 20.57
N GLY A 116 -2.74 -26.81 19.30
CA GLY A 116 -2.44 -27.98 18.50
C GLY A 116 -3.56 -28.59 17.69
N PHE A 117 -4.70 -27.93 17.66
CA PHE A 117 -5.80 -28.47 16.90
C PHE A 117 -5.81 -27.80 15.58
N THR A 118 -6.80 -28.19 14.82
CA THR A 118 -6.94 -27.61 13.53
C THR A 118 -8.35 -27.08 13.69
N THR A 119 -8.52 -25.83 13.29
CA THR A 119 -9.77 -25.17 13.51
C THR A 119 -10.57 -24.97 12.27
N CYS A 120 -11.88 -24.91 12.46
CA CYS A 120 -12.75 -24.71 11.32
C CYS A 120 -14.11 -24.07 11.55
N ILE A 121 -14.73 -23.83 10.41
CA ILE A 121 -16.05 -23.26 10.32
C ILE A 121 -16.75 -24.17 9.30
N VAL A 122 -17.94 -24.61 9.68
CA VAL A 122 -18.81 -25.50 8.88
C VAL A 122 -20.20 -24.91 9.15
N THR A 123 -20.48 -23.80 8.50
CA THR A 123 -21.72 -23.13 8.73
C THR A 123 -22.64 -23.17 7.55
N ASN A 124 -23.92 -22.81 7.75
CA ASN A 124 -24.90 -22.73 6.63
C ASN A 124 -24.81 -21.26 6.22
N ASN A 125 -24.19 -21.02 5.08
CA ASN A 125 -23.95 -19.69 4.52
C ASN A 125 -24.97 -19.12 3.49
N TRP A 126 -24.40 -18.44 2.49
CA TRP A 126 -25.11 -17.84 1.36
C TRP A 126 -24.27 -16.74 0.75
N LEU A 127 -24.66 -16.29 -0.42
CA LEU A 127 -23.86 -15.28 -1.09
C LEU A 127 -24.50 -13.93 -1.19
N ASP A 128 -23.91 -13.03 -0.41
CA ASP A 128 -24.37 -11.65 -0.32
C ASP A 128 -23.86 -10.72 -1.39
N ASP A 129 -24.73 -10.41 -2.36
CA ASP A 129 -24.39 -9.42 -3.38
C ASP A 129 -24.98 -8.16 -2.74
N GLY A 130 -25.34 -8.29 -1.46
CA GLY A 130 -25.92 -7.20 -0.69
C GLY A 130 -25.19 -5.87 -0.78
N ASP A 131 -25.58 -4.93 0.07
CA ASP A 131 -24.94 -3.64 0.05
C ASP A 131 -24.14 -3.61 1.33
N LYS A 132 -24.68 -4.27 2.35
CA LYS A 132 -24.02 -4.38 3.65
C LYS A 132 -23.17 -5.64 3.45
N ARG A 133 -22.74 -5.78 2.21
CA ARG A 133 -21.90 -6.88 1.77
C ARG A 133 -20.55 -6.86 2.49
N ASP A 134 -19.76 -5.78 2.31
CA ASP A 134 -18.44 -5.68 2.95
C ASP A 134 -18.50 -6.11 4.41
N SER A 135 -19.54 -5.64 5.11
CA SER A 135 -19.82 -6.01 6.52
C SER A 135 -19.39 -7.46 6.68
N LEU A 136 -19.77 -8.25 5.67
CA LEU A 136 -19.45 -9.67 5.64
C LEU A 136 -17.99 -9.87 5.27
N ALA A 137 -17.58 -9.38 4.11
CA ALA A 137 -16.21 -9.53 3.66
C ALA A 137 -15.25 -9.45 4.86
N GLN A 138 -15.10 -8.24 5.43
CA GLN A 138 -14.22 -7.95 6.58
C GLN A 138 -14.44 -8.94 7.72
N MET A 139 -15.66 -9.02 8.19
CA MET A 139 -15.91 -9.96 9.25
C MET A 139 -15.33 -11.33 8.91
N MET A 140 -15.21 -11.60 7.62
CA MET A 140 -14.74 -12.90 7.18
C MET A 140 -13.28 -12.90 7.01
N CYS A 141 -12.81 -11.83 6.38
CA CYS A 141 -11.41 -11.59 6.13
C CYS A 141 -10.68 -11.60 7.48
N GLU A 142 -11.42 -11.27 8.54
CA GLU A 142 -10.94 -11.23 9.94
C GLU A 142 -10.75 -12.64 10.53
N LEU A 143 -11.84 -13.41 10.55
CA LEU A 143 -11.83 -14.77 11.04
C LEU A 143 -10.79 -15.56 10.22
N SER A 144 -10.76 -15.21 8.94
CA SER A 144 -9.90 -15.83 7.95
C SER A 144 -8.66 -16.54 8.52
N GLN A 145 -7.60 -15.80 8.70
CA GLN A 145 -6.37 -16.36 9.20
C GLN A 145 -6.44 -17.29 10.38
N HIS A 146 -7.50 -17.24 11.15
CA HIS A 146 -7.52 -18.07 12.36
C HIS A 146 -8.08 -19.47 12.31
N PHE A 147 -8.61 -19.83 11.16
CA PHE A 147 -9.12 -21.16 10.97
C PHE A 147 -8.39 -21.68 9.76
N ASP A 148 -8.28 -22.98 9.70
CA ASP A 148 -7.57 -23.58 8.59
C ASP A 148 -8.49 -24.02 7.46
N PHE A 149 -9.73 -24.39 7.78
CA PHE A 149 -10.69 -24.87 6.79
C PHE A 149 -12.02 -24.14 6.74
N LEU A 150 -12.41 -23.66 5.58
CA LEU A 150 -13.70 -23.00 5.54
C LEU A 150 -14.74 -23.85 4.83
N ILE A 151 -15.64 -24.42 5.63
CA ILE A 151 -16.67 -25.28 5.11
C ILE A 151 -18.02 -24.66 5.09
N GLU A 152 -18.35 -24.00 3.99
CA GLU A 152 -19.64 -23.34 3.91
C GLU A 152 -20.68 -23.96 2.96
N SER A 153 -21.92 -24.04 3.45
CA SER A 153 -23.04 -24.58 2.68
C SER A 153 -23.18 -23.98 1.27
N CYS A 154 -23.15 -22.65 1.15
CA CYS A 154 -23.27 -22.06 -0.19
C CYS A 154 -22.12 -22.48 -1.16
N GLN A 155 -21.10 -23.16 -0.65
CA GLN A 155 -20.01 -23.59 -1.51
C GLN A 155 -20.10 -25.08 -1.87
N VAL A 156 -19.81 -25.97 -0.91
CA VAL A 156 -19.90 -27.43 -1.11
C VAL A 156 -21.33 -27.89 -1.44
N GLY A 157 -22.17 -26.95 -1.87
CA GLY A 157 -23.53 -27.31 -2.21
C GLY A 157 -24.40 -27.96 -1.15
N MET A 158 -23.84 -28.63 -0.12
CA MET A 158 -24.68 -29.28 0.92
C MET A 158 -24.92 -28.53 2.27
N ILE A 159 -26.19 -28.21 2.60
CA ILE A 159 -26.52 -27.49 3.86
C ILE A 159 -26.57 -28.29 5.17
N LYS A 160 -26.72 -27.53 6.25
CA LYS A 160 -26.84 -28.07 7.59
C LYS A 160 -28.34 -28.08 7.87
N PRO A 161 -28.87 -29.19 8.43
CA PRO A 161 -28.20 -30.44 8.83
C PRO A 161 -28.17 -31.75 8.02
N GLU A 162 -28.08 -31.71 6.70
CA GLU A 162 -28.00 -32.96 5.92
C GLU A 162 -26.61 -33.63 6.16
N PRO A 163 -26.57 -34.88 6.72
CA PRO A 163 -25.36 -35.69 7.05
C PRO A 163 -24.15 -35.55 6.12
N GLN A 164 -24.39 -34.95 4.97
CA GLN A 164 -23.38 -34.72 3.91
C GLN A 164 -22.13 -34.13 4.49
N ILE A 165 -22.30 -32.82 4.72
CA ILE A 165 -21.33 -31.88 5.23
C ILE A 165 -20.46 -32.49 6.31
N TYR A 166 -21.09 -33.24 7.22
CA TYR A 166 -20.36 -33.90 8.33
C TYR A 166 -19.34 -34.92 7.82
N ASN A 167 -19.79 -35.85 6.99
CA ASN A 167 -18.90 -36.85 6.41
C ASN A 167 -17.91 -36.06 5.54
N PHE A 168 -18.44 -35.06 4.84
CA PHE A 168 -17.61 -34.20 3.99
C PHE A 168 -16.54 -33.51 4.81
N LEU A 169 -16.94 -33.00 5.96
CA LEU A 169 -16.02 -32.33 6.83
C LEU A 169 -14.95 -33.32 7.18
N LEU A 170 -15.34 -34.34 7.93
CA LEU A 170 -14.42 -35.37 8.37
C LEU A 170 -13.46 -35.82 7.27
N ASP A 171 -14.00 -35.85 6.05
CA ASP A 171 -13.23 -36.23 4.87
C ASP A 171 -12.20 -35.13 4.62
N THR A 172 -12.70 -33.91 4.51
CA THR A 172 -11.89 -32.74 4.24
C THR A 172 -10.63 -32.72 5.07
N LEU A 173 -10.75 -32.98 6.37
CA LEU A 173 -9.53 -32.98 7.18
C LEU A 173 -8.97 -34.39 7.33
N LYS A 174 -9.88 -35.36 7.34
CA LYS A 174 -9.56 -36.77 7.49
C LYS A 174 -9.33 -37.07 8.96
N ALA A 175 -10.43 -37.31 9.67
CA ALA A 175 -10.39 -37.61 11.08
C ALA A 175 -11.67 -38.35 11.45
N LYS A 176 -11.66 -38.99 12.63
CA LYS A 176 -12.78 -39.78 13.17
C LYS A 176 -13.85 -38.92 13.88
N PRO A 177 -15.16 -39.28 13.72
CA PRO A 177 -16.28 -38.55 14.34
C PRO A 177 -16.03 -38.13 15.80
N ASN A 178 -15.26 -38.95 16.50
CA ASN A 178 -14.93 -38.72 17.88
C ASN A 178 -14.00 -37.52 18.11
N GLU A 179 -12.75 -37.59 17.64
CA GLU A 179 -11.79 -36.51 17.88
C GLU A 179 -11.95 -35.17 17.15
N VAL A 180 -13.18 -34.65 17.12
CA VAL A 180 -13.49 -33.36 16.50
C VAL A 180 -14.75 -32.89 17.17
N VAL A 181 -14.69 -31.73 17.85
CA VAL A 181 -15.86 -31.21 18.52
C VAL A 181 -16.57 -30.17 17.66
N PHE A 182 -17.86 -30.03 17.91
CA PHE A 182 -18.64 -29.11 17.14
C PHE A 182 -19.60 -28.37 18.03
N LEU A 183 -20.01 -27.19 17.60
CA LEU A 183 -20.95 -26.41 18.38
C LEU A 183 -21.72 -25.37 17.56
N ASP A 184 -23.04 -25.42 17.74
CA ASP A 184 -23.96 -24.55 17.03
C ASP A 184 -24.97 -23.90 17.96
N ASP A 185 -25.33 -22.66 17.67
CA ASP A 185 -26.31 -21.93 18.45
C ASP A 185 -27.65 -22.63 18.33
N PHE A 186 -27.75 -23.49 17.31
CA PHE A 186 -28.97 -24.22 16.98
C PHE A 186 -29.25 -25.58 17.64
N GLY A 187 -28.24 -26.43 17.83
CA GLY A 187 -28.49 -27.72 18.45
C GLY A 187 -29.30 -28.70 17.60
N SER A 188 -30.25 -28.17 16.82
CA SER A 188 -31.10 -28.99 15.93
C SER A 188 -30.18 -29.46 14.80
N ASN A 189 -28.98 -28.89 14.84
CA ASN A 189 -27.90 -29.14 13.90
C ASN A 189 -26.87 -30.10 14.51
N LEU A 190 -26.88 -30.23 15.84
CA LEU A 190 -25.93 -31.10 16.50
C LEU A 190 -26.48 -32.51 16.60
N LYS A 191 -27.66 -32.72 16.02
CA LYS A 191 -28.29 -34.04 16.02
C LYS A 191 -27.33 -35.01 15.32
N PRO A 192 -27.02 -34.76 14.03
CA PRO A 192 -26.12 -35.61 13.22
C PRO A 192 -24.74 -35.91 13.83
N ALA A 193 -24.06 -34.84 14.25
CA ALA A 193 -22.73 -34.89 14.87
C ALA A 193 -22.69 -35.73 16.12
N ARG A 194 -23.77 -35.70 16.87
CA ARG A 194 -23.85 -36.49 18.08
C ARG A 194 -24.04 -37.92 17.58
N ASP A 195 -24.78 -38.03 16.47
CA ASP A 195 -25.05 -39.33 15.85
C ASP A 195 -23.74 -40.04 15.55
N MET A 196 -23.09 -39.55 14.50
CA MET A 196 -21.82 -40.09 14.06
C MET A 196 -21.01 -40.47 15.29
N GLY A 197 -20.86 -39.51 16.20
CA GLY A 197 -20.11 -39.75 17.41
C GLY A 197 -19.10 -38.66 17.71
N MET A 198 -19.50 -37.41 17.51
CA MET A 198 -18.60 -36.29 17.81
C MET A 198 -19.01 -35.48 19.03
N VAL A 199 -18.02 -34.85 19.65
CA VAL A 199 -18.30 -34.06 20.82
C VAL A 199 -19.06 -32.82 20.36
N THR A 200 -20.33 -32.80 20.77
CA THR A 200 -21.25 -31.69 20.47
C THR A 200 -21.11 -30.62 21.59
N ILE A 201 -21.59 -29.40 21.31
CA ILE A 201 -21.61 -28.30 22.27
C ILE A 201 -22.65 -27.32 21.73
N LEU A 202 -23.55 -26.86 22.60
CA LEU A 202 -24.60 -25.97 22.14
C LEU A 202 -24.23 -24.53 21.81
N VAL A 203 -24.38 -23.66 22.82
CA VAL A 203 -24.12 -22.22 22.73
C VAL A 203 -25.47 -21.48 22.76
N HIS A 204 -26.23 -21.63 23.86
CA HIS A 204 -27.55 -20.96 23.96
C HIS A 204 -27.48 -19.54 24.55
N ASN A 205 -26.31 -19.17 25.05
CA ASN A 205 -26.11 -17.86 25.64
C ASN A 205 -25.24 -16.98 24.75
N THR A 206 -23.95 -16.93 25.08
CA THR A 206 -22.97 -16.18 24.33
C THR A 206 -21.65 -16.80 24.80
N ALA A 207 -21.76 -18.01 25.35
CA ALA A 207 -20.64 -18.83 25.84
C ALA A 207 -21.09 -19.86 26.88
N SER A 208 -20.70 -19.61 28.13
CA SER A 208 -21.04 -20.46 29.24
C SER A 208 -20.27 -21.76 29.17
N ALA A 209 -21.03 -22.84 29.02
CA ALA A 209 -20.53 -24.21 28.91
C ALA A 209 -19.57 -24.19 27.72
N LEU A 210 -19.79 -23.21 26.84
CA LEU A 210 -18.96 -23.00 25.66
C LEU A 210 -17.55 -23.05 26.21
N ARG A 211 -17.13 -21.94 26.80
CA ARG A 211 -15.82 -21.92 27.39
C ARG A 211 -15.80 -23.08 28.38
N GLU A 212 -16.65 -23.01 29.41
CA GLU A 212 -16.66 -24.05 30.43
C GLU A 212 -16.60 -25.49 29.92
N LEU A 213 -17.73 -26.09 29.55
CA LEU A 213 -17.72 -27.49 29.08
C LEU A 213 -16.70 -27.71 27.94
N GLU A 214 -16.49 -26.71 27.10
CA GLU A 214 -15.53 -26.93 26.05
C GLU A 214 -14.12 -26.84 26.62
N LYS A 215 -13.97 -26.19 27.76
CA LYS A 215 -12.66 -26.04 28.43
C LYS A 215 -12.16 -27.44 28.77
N VAL A 216 -13.11 -28.40 28.72
CA VAL A 216 -12.87 -29.81 28.95
C VAL A 216 -11.86 -30.25 27.89
N THR A 217 -12.22 -30.02 26.62
CA THR A 217 -11.38 -30.33 25.46
C THR A 217 -10.12 -30.98 25.98
N GLY A 218 -9.06 -30.19 25.97
CA GLY A 218 -7.81 -30.61 26.53
C GLY A 218 -7.89 -29.75 27.77
N THR A 219 -7.52 -28.48 27.61
CA THR A 219 -7.52 -27.52 28.71
C THR A 219 -8.02 -26.09 28.35
N GLN A 220 -8.26 -25.31 29.40
CA GLN A 220 -8.80 -23.94 29.35
C GLN A 220 -8.08 -22.72 28.72
N PHE A 221 -8.74 -21.58 28.87
CA PHE A 221 -8.33 -20.27 28.35
C PHE A 221 -8.71 -19.22 29.42
N PRO A 222 -8.10 -18.00 29.37
CA PRO A 222 -8.31 -16.87 30.30
C PRO A 222 -9.61 -16.11 30.23
N GLU A 223 -9.57 -14.89 30.80
CA GLU A 223 -10.74 -13.98 30.86
C GLU A 223 -10.53 -12.52 30.37
N ALA A 224 -9.29 -12.02 30.41
CA ALA A 224 -8.95 -10.65 29.91
C ALA A 224 -7.76 -10.98 29.03
N PRO A 225 -8.01 -11.22 27.72
CA PRO A 225 -7.01 -11.58 26.72
C PRO A 225 -6.20 -10.50 26.08
N LEU A 226 -5.07 -10.90 25.54
CA LEU A 226 -4.21 -9.98 24.88
C LEU A 226 -4.82 -9.78 23.52
N PRO A 227 -4.39 -8.73 22.82
CA PRO A 227 -5.06 -8.65 21.54
C PRO A 227 -4.39 -9.83 20.90
N VAL A 228 -4.92 -10.22 19.77
CA VAL A 228 -4.42 -11.34 19.03
C VAL A 228 -3.07 -11.00 18.41
N PRO A 229 -2.13 -11.96 18.40
CA PRO A 229 -0.80 -11.72 17.82
C PRO A 229 -0.93 -11.34 16.33
N CYS A 230 -0.40 -12.16 15.42
CA CYS A 230 -0.42 -11.93 13.95
C CYS A 230 0.92 -12.42 13.41
N ASN A 231 1.03 -13.34 12.45
CA ASN A 231 2.39 -13.69 12.06
C ASN A 231 2.83 -14.93 11.38
N PRO A 232 3.99 -14.81 10.75
CA PRO A 232 4.92 -13.68 10.57
C PRO A 232 5.27 -13.91 9.12
N ASN A 233 4.37 -14.65 8.46
CA ASN A 233 4.54 -15.02 7.08
C ASN A 233 3.14 -15.26 6.56
N ASP A 234 2.16 -14.89 7.36
CA ASP A 234 0.78 -14.98 6.92
C ASP A 234 0.53 -13.53 6.61
N VAL A 235 1.62 -12.81 6.34
CA VAL A 235 1.59 -11.37 6.08
C VAL A 235 2.17 -10.96 4.73
N SER A 236 1.63 -9.88 4.14
CA SER A 236 2.19 -9.42 2.88
C SER A 236 3.58 -8.86 3.17
N HIS A 237 4.51 -9.05 2.24
CA HIS A 237 5.87 -8.56 2.44
C HIS A 237 6.34 -7.55 1.39
N GLY A 238 5.85 -6.33 1.45
CA GLY A 238 6.22 -5.32 0.46
C GLY A 238 7.70 -5.06 0.46
N TYR A 239 8.25 -4.51 -0.64
CA TYR A 239 9.70 -4.25 -0.74
C TYR A 239 10.20 -3.05 -1.61
N VAL A 240 9.82 -1.83 -1.24
CA VAL A 240 10.24 -0.61 -1.96
C VAL A 240 11.75 -0.36 -1.99
N THR A 241 12.24 0.13 -3.12
CA THR A 241 13.69 0.42 -3.24
C THR A 241 13.88 1.88 -3.56
N VAL A 242 14.26 2.66 -2.53
CA VAL A 242 14.48 4.13 -2.62
C VAL A 242 15.72 4.64 -3.33
N LYS A 243 16.88 4.43 -2.73
CA LYS A 243 18.14 4.84 -3.31
C LYS A 243 18.67 3.59 -4.01
N PRO A 244 19.71 3.74 -4.85
CA PRO A 244 20.30 2.60 -5.55
C PRO A 244 20.46 1.37 -4.67
N GLY A 245 21.49 1.35 -3.82
CA GLY A 245 21.70 0.18 -3.01
C GLY A 245 20.74 -0.01 -1.86
N ILE A 246 19.87 0.96 -1.65
CA ILE A 246 18.97 0.92 -0.49
C ILE A 246 17.50 0.54 -0.70
N ARG A 247 17.10 -0.54 -0.04
CA ARG A 247 15.75 -1.00 -0.16
C ARG A 247 15.15 -0.98 1.25
N LEU A 248 13.83 -0.84 1.32
CA LEU A 248 13.11 -0.81 2.60
C LEU A 248 12.07 -1.92 2.64
N HIS A 249 12.21 -2.86 3.56
CA HIS A 249 11.22 -3.94 3.64
C HIS A 249 10.15 -3.45 4.60
N PHE A 250 8.99 -4.07 4.55
CA PHE A 250 7.89 -3.73 5.42
C PHE A 250 6.78 -4.77 5.30
N VAL A 251 5.74 -4.58 6.10
CA VAL A 251 4.62 -5.49 6.06
C VAL A 251 3.33 -4.65 5.87
N GLU A 252 2.33 -5.26 5.25
CA GLU A 252 1.06 -4.60 4.95
C GLU A 252 -0.12 -5.45 5.36
N MET A 253 -1.09 -4.77 5.96
CA MET A 253 -2.31 -5.38 6.44
C MET A 253 -3.41 -4.36 6.49
N GLY A 254 -4.59 -4.76 6.01
CA GLY A 254 -5.76 -3.91 6.01
C GLY A 254 -5.82 -2.87 4.92
N SER A 255 -7.02 -2.32 4.69
CA SER A 255 -7.23 -1.31 3.68
C SER A 255 -7.39 0.13 4.15
N GLY A 256 -6.64 1.02 3.44
CA GLY A 256 -6.54 2.47 3.60
C GLY A 256 -7.43 3.17 4.60
N PRO A 257 -7.05 4.35 5.12
CA PRO A 257 -5.83 5.11 4.84
C PRO A 257 -4.64 4.47 5.52
N ALA A 258 -3.46 4.95 5.14
CA ALA A 258 -2.22 4.39 5.63
C ALA A 258 -1.61 4.98 6.87
N LEU A 259 -0.98 4.11 7.65
CA LEU A 259 -0.24 4.50 8.86
C LEU A 259 1.03 3.67 9.03
N CYS A 260 2.16 4.34 8.94
CA CYS A 260 3.43 3.70 9.07
C CYS A 260 3.82 3.54 10.53
N LEU A 261 4.08 2.30 10.92
CA LEU A 261 4.48 1.92 12.26
C LEU A 261 6.01 1.82 12.30
N CYS A 262 6.66 2.90 12.67
CA CYS A 262 8.12 2.82 12.72
C CYS A 262 8.72 2.35 14.06
N HIS A 263 9.33 1.16 14.08
CA HIS A 263 9.95 0.60 15.30
C HIS A 263 11.25 1.27 15.78
N GLY A 264 11.69 0.89 16.99
CA GLY A 264 12.91 1.47 17.53
C GLY A 264 14.05 0.50 17.79
N PHE A 265 15.05 0.97 18.54
CA PHE A 265 16.24 0.18 18.86
C PHE A 265 16.12 -0.61 20.15
N PRO A 266 16.55 -1.89 20.11
CA PRO A 266 17.08 -2.56 18.90
C PRO A 266 16.02 -3.57 18.42
N GLU A 267 14.97 -3.10 17.75
CA GLU A 267 13.89 -4.03 17.34
C GLU A 267 13.71 -4.37 15.85
N SER A 268 12.45 -4.69 15.53
CA SER A 268 12.07 -5.02 14.16
C SER A 268 10.60 -4.62 13.99
N TRP A 269 10.10 -4.71 12.76
CA TRP A 269 8.70 -4.41 12.49
C TRP A 269 7.90 -5.39 13.35
N PHE A 270 8.47 -6.57 13.60
CA PHE A 270 7.76 -7.59 14.35
C PHE A 270 7.12 -7.08 15.64
N SER A 271 7.73 -6.06 16.25
CA SER A 271 7.22 -5.44 17.49
C SER A 271 5.71 -5.12 17.50
N TRP A 272 5.25 -4.35 16.53
CA TRP A 272 3.83 -4.01 16.46
C TRP A 272 2.89 -5.21 16.21
N ARG A 273 3.47 -6.40 16.31
CA ARG A 273 2.73 -7.61 16.09
C ARG A 273 1.39 -7.66 16.80
N TYR A 274 1.07 -6.68 17.63
CA TYR A 274 -0.22 -6.74 18.33
C TYR A 274 -1.13 -5.61 17.94
N GLN A 275 -0.53 -4.57 17.37
CA GLN A 275 -1.29 -3.41 17.01
C GLN A 275 -1.58 -3.44 15.52
N ILE A 276 -0.75 -4.21 14.82
CA ILE A 276 -0.88 -4.38 13.38
C ILE A 276 -2.33 -4.86 13.02
N PRO A 277 -2.73 -6.08 13.44
CA PRO A 277 -4.09 -6.56 13.14
C PRO A 277 -5.08 -5.48 13.54
N ALA A 278 -5.02 -5.13 14.83
CA ALA A 278 -5.87 -4.12 15.45
C ALA A 278 -6.02 -2.84 14.64
N LEU A 279 -4.90 -2.33 14.15
CA LEU A 279 -4.96 -1.11 13.37
C LEU A 279 -5.62 -1.31 12.03
N ALA A 280 -5.45 -2.51 11.51
CA ALA A 280 -6.02 -2.91 10.22
C ALA A 280 -7.51 -2.88 10.38
N GLN A 281 -7.95 -3.62 11.40
CA GLN A 281 -9.35 -3.73 11.76
C GLN A 281 -9.83 -2.34 12.06
N ALA A 282 -9.03 -1.61 12.82
CA ALA A 282 -9.40 -0.25 13.17
C ALA A 282 -10.04 0.37 11.91
N GLY A 283 -9.43 0.07 10.78
CA GLY A 283 -9.91 0.58 9.51
C GLY A 283 -8.78 1.31 8.78
N PHE A 284 -7.55 0.81 8.92
CA PHE A 284 -6.44 1.46 8.24
C PHE A 284 -5.52 0.46 7.62
N ARG A 285 -4.76 0.96 6.65
CA ARG A 285 -3.81 0.15 5.93
C ARG A 285 -2.48 0.35 6.68
N VAL A 286 -2.06 -0.68 7.41
CA VAL A 286 -0.84 -0.65 8.19
C VAL A 286 0.37 -0.90 7.32
N LEU A 287 1.49 -0.24 7.56
CA LEU A 287 2.71 -0.47 6.80
C LEU A 287 3.83 -0.53 7.83
N ALA A 288 3.86 -1.62 8.59
CA ALA A 288 4.87 -1.80 9.61
C ALA A 288 6.26 -2.04 9.00
N ILE A 289 7.05 -0.97 8.88
CA ILE A 289 8.38 -1.02 8.30
C ILE A 289 9.55 -1.49 9.15
N ASP A 290 10.56 -2.04 8.47
CA ASP A 290 11.82 -2.50 9.08
C ASP A 290 12.72 -1.27 8.91
N MET A 291 13.01 -0.60 10.03
CA MET A 291 13.79 0.63 9.99
C MET A 291 15.12 0.49 9.26
N LYS A 292 15.45 1.46 8.42
CA LYS A 292 16.70 1.37 7.72
C LYS A 292 17.76 0.69 8.60
N GLY A 293 18.47 -0.27 8.06
CA GLY A 293 19.47 -0.90 8.92
C GLY A 293 18.99 -2.15 9.62
N TYR A 294 17.68 -2.33 9.72
CA TYR A 294 17.17 -3.50 10.42
C TYR A 294 16.45 -4.48 9.57
N GLY A 295 16.47 -5.74 10.04
CA GLY A 295 15.81 -6.85 9.36
C GLY A 295 16.07 -7.13 7.88
N ASP A 296 15.02 -6.93 7.08
CA ASP A 296 15.07 -7.17 5.66
C ASP A 296 15.31 -5.97 4.76
N SER A 297 15.50 -4.80 5.38
CA SER A 297 15.79 -3.59 4.62
C SER A 297 17.31 -3.46 4.59
N SER A 298 17.81 -2.70 3.62
CA SER A 298 19.27 -2.51 3.46
C SER A 298 19.87 -1.90 4.72
N SER A 299 20.96 -2.47 5.20
CA SER A 299 21.58 -1.94 6.40
C SER A 299 23.09 -1.80 6.15
N PRO A 300 23.49 -0.72 5.46
CA PRO A 300 24.90 -0.51 5.17
C PRO A 300 25.80 -0.39 6.41
N PRO A 301 27.06 0.00 6.20
CA PRO A 301 27.99 0.16 7.30
C PRO A 301 28.23 1.69 7.57
N GLU A 302 28.21 2.49 6.49
CA GLU A 302 28.43 3.93 6.54
C GLU A 302 27.66 4.56 7.69
N ILE A 303 28.22 5.62 8.25
CA ILE A 303 27.58 6.28 9.36
C ILE A 303 26.66 7.37 8.87
N GLU A 304 27.19 8.30 8.09
CA GLU A 304 26.37 9.42 7.59
C GLU A 304 25.08 8.82 7.09
N GLU A 305 25.17 7.57 6.66
CA GLU A 305 24.06 6.83 6.16
C GLU A 305 22.87 6.90 7.05
N TYR A 306 23.05 6.96 8.37
CA TYR A 306 21.91 6.99 9.30
C TYR A 306 21.59 8.37 9.91
N ALA A 307 22.07 9.41 9.25
CA ALA A 307 21.80 10.76 9.66
C ALA A 307 20.29 10.86 9.73
N MET A 308 19.75 11.69 10.62
CA MET A 308 18.30 11.85 10.75
C MET A 308 17.82 12.55 9.54
N GLU A 309 18.59 13.54 9.13
CA GLU A 309 18.23 14.27 7.92
C GLU A 309 17.91 13.24 6.86
N LEU A 310 18.85 12.29 6.70
CA LEU A 310 18.71 11.20 5.73
C LEU A 310 17.47 10.35 5.96
N LEU A 311 17.46 9.58 7.05
CA LEU A 311 16.35 8.73 7.37
C LEU A 311 14.98 9.33 7.04
N CYS A 312 14.78 10.60 7.38
CA CYS A 312 13.50 11.25 7.13
C CYS A 312 13.26 11.48 5.66
N LYS A 313 14.27 11.97 4.96
CA LYS A 313 14.20 12.18 3.50
C LYS A 313 13.75 10.87 2.79
N GLU A 314 14.47 9.78 3.03
CA GLU A 314 14.17 8.50 2.45
C GLU A 314 12.77 8.10 2.86
N MET A 315 12.46 8.30 4.13
CA MET A 315 11.15 7.96 4.61
C MET A 315 10.11 8.55 3.65
N VAL A 316 10.45 9.66 3.00
CA VAL A 316 9.54 10.33 2.04
C VAL A 316 9.55 9.63 0.69
N THR A 317 10.76 9.43 0.17
CA THR A 317 10.91 8.75 -1.11
C THR A 317 10.10 7.46 -1.05
N PHE A 318 9.94 6.91 0.14
CA PHE A 318 9.17 5.70 0.36
C PHE A 318 7.71 5.92 -0.05
N LEU A 319 7.12 6.98 0.46
CA LEU A 319 5.75 7.26 0.11
C LEU A 319 5.65 7.44 -1.38
N ASP A 320 6.51 8.30 -1.93
CA ASP A 320 6.56 8.59 -3.39
C ASP A 320 6.48 7.31 -4.30
N LYS A 321 7.48 6.46 -4.09
CA LYS A 321 7.63 5.18 -4.74
C LYS A 321 6.30 4.40 -4.58
N LEU A 322 5.86 4.20 -3.34
CA LEU A 322 4.64 3.45 -3.11
C LEU A 322 3.40 4.19 -3.55
N GLY A 323 3.63 5.43 -4.02
CA GLY A 323 2.57 6.30 -4.51
C GLY A 323 1.53 6.92 -3.56
N ILE A 324 1.88 6.94 -2.28
CA ILE A 324 1.01 7.50 -1.23
C ILE A 324 1.37 8.95 -0.93
N PRO A 325 0.39 9.85 -0.94
CA PRO A 325 0.77 11.24 -0.65
C PRO A 325 0.72 11.67 0.83
N GLN A 326 0.30 10.78 1.72
CA GLN A 326 0.20 11.14 3.13
C GLN A 326 -0.07 9.91 3.97
N ALA A 327 0.49 9.88 5.18
CA ALA A 327 0.29 8.77 6.11
C ALA A 327 0.33 9.25 7.55
N VAL A 328 0.01 8.31 8.42
CA VAL A 328 -0.01 8.55 9.83
C VAL A 328 1.22 7.86 10.37
N PHE A 329 2.23 8.68 10.68
CA PHE A 329 3.46 8.16 11.22
C PHE A 329 3.39 7.95 12.70
N ILE A 330 3.69 6.74 13.14
CA ILE A 330 3.61 6.42 14.56
C ILE A 330 4.86 5.75 15.11
N GLY A 331 5.85 6.53 15.49
CA GLY A 331 7.10 5.98 16.00
C GLY A 331 7.20 5.69 17.48
N HIS A 332 8.15 4.86 17.85
CA HIS A 332 8.39 4.50 19.25
C HIS A 332 9.89 4.43 19.33
N ASP A 333 10.46 4.80 20.47
CA ASP A 333 11.89 4.76 20.60
C ASP A 333 12.58 5.71 19.58
N TRP A 334 13.74 5.29 19.09
CA TRP A 334 14.51 6.11 18.18
C TRP A 334 13.74 6.54 16.95
N ALA A 335 12.64 5.85 16.66
CA ALA A 335 11.79 6.11 15.48
C ALA A 335 10.91 7.32 15.71
N GLY A 336 10.39 7.39 16.95
CA GLY A 336 9.56 8.50 17.39
C GLY A 336 10.34 9.78 17.19
N VAL A 337 11.63 9.71 17.44
CA VAL A 337 12.45 10.90 17.20
C VAL A 337 12.21 11.30 15.77
N MET A 338 12.43 10.34 14.85
CA MET A 338 12.29 10.56 13.41
C MET A 338 10.87 10.95 13.04
N VAL A 339 9.93 10.22 13.61
CA VAL A 339 8.52 10.44 13.42
C VAL A 339 8.14 11.92 13.67
N TRP A 340 8.70 12.53 14.74
CA TRP A 340 8.43 13.94 15.07
C TRP A 340 9.16 14.85 14.09
N ASN A 341 10.36 14.46 13.70
CA ASN A 341 11.14 15.26 12.76
C ASN A 341 10.43 15.23 11.42
N MET A 342 9.78 14.09 11.22
CA MET A 342 8.99 13.81 10.03
C MET A 342 8.05 15.00 10.01
N ALA A 343 7.23 15.05 11.05
CA ALA A 343 6.23 16.08 11.27
C ALA A 343 6.77 17.50 11.11
N LEU A 344 7.99 17.71 11.59
CA LEU A 344 8.63 19.02 11.52
C LEU A 344 9.13 19.41 10.14
N PHE A 345 9.70 18.46 9.41
CA PHE A 345 10.24 18.76 8.08
C PHE A 345 9.38 18.46 6.83
N TYR A 346 8.43 17.56 6.98
CA TYR A 346 7.55 17.22 5.88
C TYR A 346 6.21 17.03 6.56
N PRO A 347 5.49 18.14 6.69
CA PRO A 347 4.17 18.22 7.32
C PRO A 347 3.05 17.83 6.36
N GLU A 348 3.31 18.01 5.04
CA GLU A 348 2.36 17.68 3.99
C GLU A 348 2.11 16.20 4.01
N ARG A 349 3.21 15.46 3.91
CA ARG A 349 3.13 14.02 3.86
C ARG A 349 2.68 13.41 5.17
N VAL A 350 2.60 14.23 6.20
CA VAL A 350 2.15 13.69 7.48
C VAL A 350 0.72 14.15 7.72
N ARG A 351 -0.22 13.22 7.89
CA ARG A 351 -1.61 13.61 8.20
C ARG A 351 -1.66 13.74 9.73
N ALA A 352 -0.92 12.85 10.42
CA ALA A 352 -0.85 12.83 11.89
C ALA A 352 0.40 12.12 12.40
N VAL A 353 0.79 12.43 13.65
CA VAL A 353 1.96 11.83 14.29
C VAL A 353 1.70 11.38 15.67
N ALA A 354 2.34 10.28 16.07
CA ALA A 354 2.21 9.73 17.41
C ALA A 354 3.59 9.21 17.83
N SER A 355 3.99 9.52 19.05
CA SER A 355 5.26 9.03 19.55
C SER A 355 4.94 8.15 20.71
N LEU A 356 5.80 7.18 20.90
CA LEU A 356 5.59 6.26 22.00
C LEU A 356 6.79 6.48 22.87
N ASN A 357 6.53 6.91 24.11
CA ASN A 357 7.61 7.18 25.06
C ASN A 357 8.46 8.37 24.61
N THR A 358 9.01 8.31 23.39
CA THR A 358 9.84 9.43 22.91
C THR A 358 9.12 10.80 22.82
N PRO A 359 9.71 11.81 23.44
CA PRO A 359 9.14 13.14 23.44
C PRO A 359 9.78 13.90 22.33
N PHE A 360 9.28 15.10 22.08
CA PHE A 360 9.87 15.92 21.06
C PHE A 360 10.98 16.66 21.81
N MET A 361 12.25 16.29 21.57
CA MET A 361 13.38 16.90 22.27
C MET A 361 14.26 17.84 21.42
N PRO A 362 13.79 19.06 21.14
CA PRO A 362 14.59 19.99 20.34
C PRO A 362 16.01 20.21 20.88
N PRO A 363 16.92 20.71 20.03
CA PRO A 363 18.32 20.99 20.40
C PRO A 363 18.53 22.47 20.73
N ASP A 364 19.38 22.76 21.72
CA ASP A 364 19.71 24.13 22.11
C ASP A 364 20.89 24.53 21.27
N PRO A 365 20.72 25.54 20.44
CA PRO A 365 21.72 26.06 19.52
C PRO A 365 23.00 26.49 20.18
N ASP A 366 22.91 26.80 21.48
CA ASP A 366 24.07 27.24 22.26
C ASP A 366 24.51 26.19 23.30
N VAL A 367 24.38 24.93 22.93
CA VAL A 367 24.72 23.84 23.82
C VAL A 367 25.11 22.63 22.96
N SER A 368 26.42 22.39 22.81
CA SER A 368 26.91 21.24 22.04
C SER A 368 26.10 20.05 22.56
N PRO A 369 25.47 19.31 21.63
CA PRO A 369 24.59 18.15 21.78
C PRO A 369 25.25 17.04 22.55
N MET A 370 26.55 16.88 22.31
CA MET A 370 27.34 15.86 22.97
C MET A 370 27.39 16.12 24.44
N LYS A 371 27.74 17.35 24.76
CA LYS A 371 27.84 17.76 26.14
C LYS A 371 26.59 17.35 26.89
N VAL A 372 25.42 17.63 26.28
CA VAL A 372 24.16 17.32 26.92
C VAL A 372 23.92 15.83 27.12
N ILE A 373 24.63 15.01 26.37
CA ILE A 373 24.44 13.58 26.50
C ILE A 373 25.27 13.10 27.66
N ARG A 374 26.40 13.76 27.85
CA ARG A 374 27.35 13.44 28.92
C ARG A 374 26.84 13.75 30.30
N SER A 375 25.74 14.48 30.36
CA SER A 375 25.17 14.87 31.63
C SER A 375 24.06 13.99 32.18
N ILE A 376 23.03 13.76 31.38
CA ILE A 376 21.98 12.85 31.82
C ILE A 376 22.75 11.58 32.25
N PRO A 377 22.68 11.24 33.56
CA PRO A 377 23.35 10.07 34.15
C PRO A 377 23.03 8.77 33.38
N VAL A 378 21.73 8.62 33.09
CA VAL A 378 21.18 7.47 32.40
C VAL A 378 21.57 7.31 30.91
N PHE A 379 21.98 8.40 30.27
CA PHE A 379 22.39 8.37 28.86
C PHE A 379 23.80 7.87 28.67
N ASN A 380 24.28 7.01 29.55
CA ASN A 380 25.64 6.52 29.41
C ASN A 380 25.78 5.50 28.28
N TYR A 381 25.00 4.42 28.38
CA TYR A 381 25.02 3.36 27.41
C TYR A 381 25.14 4.03 26.07
N GLN A 382 24.38 5.10 25.94
CA GLN A 382 24.33 5.88 24.74
C GLN A 382 25.66 6.39 24.32
N LEU A 383 26.51 6.68 25.30
CA LEU A 383 27.84 7.19 24.98
C LEU A 383 28.73 6.02 24.63
N TYR A 384 28.54 4.95 25.38
CA TYR A 384 29.24 3.68 25.22
C TYR A 384 29.19 3.31 23.76
N PHE A 385 27.97 3.41 23.25
CA PHE A 385 27.69 3.11 21.88
C PHE A 385 28.55 3.90 20.92
N GLN A 386 28.58 5.19 21.09
CA GLN A 386 29.38 5.99 20.18
C GLN A 386 30.64 5.33 19.63
N GLU A 387 31.30 4.45 20.36
CA GLU A 387 32.49 3.87 19.76
C GLU A 387 32.23 2.63 18.90
N PRO A 388 32.44 2.75 17.57
CA PRO A 388 32.28 1.74 16.49
C PRO A 388 32.89 0.35 16.67
N GLY A 389 32.06 -0.69 16.55
CA GLY A 389 32.53 -2.07 16.64
C GLY A 389 32.48 -2.69 18.02
N VAL A 390 32.61 -1.78 19.00
CA VAL A 390 32.62 -2.10 20.43
C VAL A 390 31.35 -2.80 20.96
N ALA A 391 30.27 -2.03 21.08
CA ALA A 391 29.02 -2.60 21.57
C ALA A 391 28.48 -3.64 20.57
N GLU A 392 28.93 -3.55 19.31
CA GLU A 392 28.56 -4.50 18.25
C GLU A 392 29.05 -5.82 18.82
N ALA A 393 30.37 -5.84 18.98
CA ALA A 393 31.08 -6.97 19.49
C ALA A 393 30.43 -7.51 20.77
N GLU A 394 30.00 -6.62 21.67
CA GLU A 394 29.36 -7.07 22.93
C GLU A 394 27.97 -7.74 22.77
N LEU A 395 27.08 -7.02 22.12
CA LEU A 395 25.73 -7.49 21.86
C LEU A 395 25.76 -8.75 20.98
N GLU A 396 26.41 -8.66 19.81
CA GLU A 396 26.51 -9.79 18.89
C GLU A 396 26.93 -11.14 19.53
N LYS A 397 28.08 -11.19 20.19
CA LYS A 397 28.59 -12.42 20.82
C LYS A 397 27.54 -13.49 21.16
N ASN A 398 26.42 -13.12 21.75
CA ASN A 398 25.42 -14.14 22.02
C ASN A 398 24.08 -13.46 22.12
N MET A 399 23.45 -13.34 20.96
CA MET A 399 22.18 -12.68 20.81
C MET A 399 21.10 -13.27 21.70
N SER A 400 21.21 -14.57 21.96
CA SER A 400 20.23 -15.25 22.80
C SER A 400 20.09 -14.48 24.11
N ARG A 401 21.24 -14.13 24.71
CA ARG A 401 21.27 -13.34 25.96
C ARG A 401 20.84 -11.91 25.59
N THR A 402 21.60 -11.27 24.71
CA THR A 402 21.26 -9.93 24.29
C THR A 402 19.77 -9.62 24.35
N PHE A 403 18.93 -10.35 23.62
CA PHE A 403 17.55 -9.93 23.62
C PHE A 403 16.74 -10.07 24.87
N LYS A 404 16.86 -11.18 25.58
CA LYS A 404 16.09 -11.37 26.82
C LYS A 404 16.51 -10.35 27.87
N SER A 405 17.74 -9.87 27.77
CA SER A 405 18.27 -8.84 28.67
C SER A 405 17.59 -7.52 28.33
N PHE A 406 17.67 -7.13 27.07
CA PHE A 406 17.05 -5.91 26.63
C PHE A 406 15.58 -5.90 26.91
N PHE A 407 14.88 -6.91 26.40
CA PHE A 407 13.43 -6.97 26.57
C PHE A 407 13.00 -7.62 27.83
N ARG A 408 12.72 -6.77 28.81
CA ARG A 408 12.24 -7.22 30.09
C ARG A 408 11.22 -6.14 30.39
N ALA A 409 10.33 -6.40 31.36
CA ALA A 409 9.25 -5.51 31.77
C ALA A 409 9.59 -4.29 32.61
N SER A 410 8.70 -3.99 33.55
CA SER A 410 8.85 -2.85 34.44
C SER A 410 9.01 -3.43 35.83
N ASP A 411 8.81 -4.74 35.92
CA ASP A 411 8.96 -5.49 37.17
C ASP A 411 9.88 -6.67 36.88
N GLU A 412 10.99 -6.39 36.21
CA GLU A 412 11.91 -7.43 35.83
C GLU A 412 13.34 -7.08 36.13
N THR A 413 13.97 -8.01 36.85
CA THR A 413 15.36 -7.90 37.26
C THR A 413 16.29 -8.35 36.14
N GLY A 414 17.49 -7.78 36.12
CA GLY A 414 18.48 -8.11 35.12
C GLY A 414 18.49 -7.22 33.88
N PHE A 415 17.87 -6.04 33.98
CA PHE A 415 17.81 -5.12 32.84
C PHE A 415 19.19 -4.77 32.25
N ILE A 416 19.28 -3.58 31.65
CA ILE A 416 20.50 -3.11 31.00
C ILE A 416 21.25 -2.15 31.94
N ALA A 417 22.45 -1.76 31.55
CA ALA A 417 23.30 -0.86 32.33
C ALA A 417 23.36 0.51 31.70
N VAL A 418 22.20 1.13 31.58
CA VAL A 418 22.08 2.47 30.99
C VAL A 418 23.26 3.39 31.27
N HIS A 419 23.51 3.69 32.56
CA HIS A 419 24.60 4.59 32.96
C HIS A 419 25.94 4.03 33.45
N LYS A 420 25.98 2.91 34.17
CA LYS A 420 27.31 2.42 34.54
C LYS A 420 28.08 1.90 33.28
N ALA A 421 27.33 1.62 32.21
CA ALA A 421 27.87 1.14 30.93
C ALA A 421 29.31 1.48 30.56
N THR A 422 29.80 2.67 30.92
CA THR A 422 31.20 3.01 30.63
C THR A 422 32.11 2.50 31.76
N GLU A 423 31.66 2.71 33.00
CA GLU A 423 32.39 2.23 34.15
C GLU A 423 32.51 0.71 33.92
N ILE A 424 31.41 -0.02 34.12
CA ILE A 424 31.43 -1.46 33.93
C ILE A 424 32.04 -1.84 32.58
N GLY A 425 32.01 -0.90 31.62
CA GLY A 425 32.57 -1.15 30.29
C GLY A 425 31.82 -2.24 29.53
N GLY A 426 30.49 -2.17 29.58
CA GLY A 426 29.71 -3.16 28.90
C GLY A 426 28.29 -3.13 29.40
N ILE A 427 27.37 -2.80 28.48
CA ILE A 427 25.94 -2.69 28.73
C ILE A 427 25.25 -3.98 29.22
N LEU A 428 25.99 -5.06 29.44
CA LEU A 428 25.37 -6.30 29.91
C LEU A 428 25.99 -6.89 31.17
N VAL A 429 27.13 -6.35 31.60
CA VAL A 429 27.89 -6.87 32.76
C VAL A 429 27.23 -7.09 34.13
N ASN A 430 26.04 -6.56 34.34
CA ASN A 430 25.34 -6.75 35.61
C ASN A 430 24.11 -7.65 35.32
N THR A 431 24.02 -7.97 34.02
CA THR A 431 22.99 -8.80 33.40
C THR A 431 23.42 -10.22 33.60
N PRO A 432 22.49 -11.12 33.94
CA PRO A 432 22.99 -12.49 34.10
C PRO A 432 23.72 -13.02 32.83
N GLU A 433 24.16 -14.27 32.90
CA GLU A 433 24.84 -14.90 31.77
C GLU A 433 23.80 -15.84 31.17
N ASP A 434 22.77 -16.14 31.96
CA ASP A 434 21.72 -16.97 31.45
C ASP A 434 20.39 -16.27 31.66
N PRO A 435 20.17 -15.16 30.95
CA PRO A 435 18.88 -14.49 31.15
C PRO A 435 17.65 -15.38 31.21
N ASN A 436 16.77 -15.02 32.13
CA ASN A 436 15.49 -15.71 32.37
C ASN A 436 14.57 -15.14 31.27
N LEU A 437 13.70 -15.97 30.70
CA LEU A 437 12.82 -15.47 29.66
C LEU A 437 11.83 -14.49 30.24
N SER A 438 11.94 -13.25 29.79
CA SER A 438 11.05 -12.19 30.21
C SER A 438 9.61 -12.66 30.02
N LYS A 439 8.76 -12.49 31.01
CA LYS A 439 7.36 -12.93 30.91
C LYS A 439 6.64 -12.15 29.83
N ILE A 440 7.39 -11.29 29.15
CA ILE A 440 6.84 -10.44 28.13
C ILE A 440 7.21 -10.85 26.69
N THR A 441 7.77 -12.04 26.55
CA THR A 441 8.13 -12.57 25.26
C THR A 441 8.10 -14.09 25.36
N THR A 442 8.19 -14.76 24.21
CA THR A 442 8.19 -16.22 24.15
C THR A 442 9.56 -16.60 23.58
N GLU A 443 9.87 -17.88 23.56
CA GLU A 443 11.17 -18.29 23.05
C GLU A 443 11.31 -18.04 21.56
N GLU A 444 10.19 -18.17 20.85
CA GLU A 444 10.15 -17.98 19.42
C GLU A 444 10.21 -16.49 19.17
N GLU A 445 9.48 -15.76 20.01
CA GLU A 445 9.42 -14.31 19.91
C GLU A 445 10.84 -13.81 19.87
N ILE A 446 11.71 -14.50 20.62
CA ILE A 446 13.09 -14.11 20.66
C ILE A 446 13.80 -14.59 19.42
N GLU A 447 13.66 -15.88 19.13
CA GLU A 447 14.29 -16.49 17.97
C GLU A 447 14.10 -15.64 16.70
N PHE A 448 12.91 -15.07 16.54
CA PHE A 448 12.68 -14.24 15.37
C PHE A 448 13.68 -13.08 15.39
N TYR A 449 13.63 -12.27 16.45
CA TYR A 449 14.53 -11.12 16.63
C TYR A 449 15.97 -11.50 16.29
N ILE A 450 16.41 -12.67 16.77
CA ILE A 450 17.74 -13.19 16.47
C ILE A 450 17.98 -13.32 14.97
N GLN A 451 17.21 -14.22 14.36
CA GLN A 451 17.27 -14.51 12.93
C GLN A 451 17.21 -13.22 12.13
N GLN A 452 16.28 -12.37 12.53
CA GLN A 452 16.11 -11.11 11.87
C GLN A 452 17.38 -10.26 12.01
N PHE A 453 18.16 -10.53 13.06
CA PHE A 453 19.35 -9.74 13.32
C PHE A 453 20.62 -10.34 12.83
N LYS A 454 20.58 -11.65 12.56
CA LYS A 454 21.76 -12.34 12.06
C LYS A 454 22.09 -11.80 10.67
N LYS A 455 21.05 -11.36 9.96
CA LYS A 455 21.21 -10.80 8.63
C LYS A 455 21.91 -9.45 8.71
N THR A 456 21.50 -8.60 9.64
CA THR A 456 22.09 -7.26 9.75
C THR A 456 23.29 -7.09 10.66
N GLY A 457 23.44 -7.95 11.65
CA GLY A 457 24.51 -7.72 12.59
C GLY A 457 24.01 -6.47 13.35
N PHE A 458 24.87 -5.82 14.16
CA PHE A 458 24.42 -4.66 14.93
C PHE A 458 24.94 -3.30 14.52
N ARG A 459 25.96 -3.29 13.67
CA ARG A 459 26.52 -2.05 13.19
C ARG A 459 25.41 -1.02 12.94
N GLY A 460 24.71 -1.23 11.81
CA GLY A 460 23.63 -0.37 11.34
C GLY A 460 22.58 0.03 12.34
N PRO A 461 22.04 -0.90 13.12
CA PRO A 461 21.03 -0.38 14.04
C PRO A 461 21.65 0.65 14.99
N LEU A 462 22.88 0.38 15.46
CA LEU A 462 23.63 1.26 16.38
C LEU A 462 24.04 2.58 15.72
N ASN A 463 24.31 2.54 14.42
CA ASN A 463 24.67 3.72 13.64
C ASN A 463 23.68 4.94 13.81
N TRP A 464 22.51 4.67 14.43
CA TRP A 464 21.45 5.66 14.71
C TRP A 464 21.87 6.66 15.80
N TYR A 465 22.67 6.15 16.74
CA TYR A 465 23.22 6.92 17.84
C TYR A 465 24.26 7.90 17.27
N ARG A 466 25.27 7.27 16.67
CA ARG A 466 26.42 7.89 16.05
C ARG A 466 26.32 9.07 15.07
N ASN A 467 25.19 9.74 15.00
CA ASN A 467 25.12 10.88 14.10
C ASN A 467 24.63 12.02 14.94
N THR A 468 25.08 11.95 16.20
CA THR A 468 24.79 12.89 17.28
C THR A 468 24.88 14.38 16.94
N GLU A 469 26.07 14.80 16.47
CA GLU A 469 26.32 16.21 16.16
C GLU A 469 25.49 16.72 15.02
N ARG A 470 25.60 16.05 13.88
CA ARG A 470 24.86 16.44 12.68
C ARG A 470 23.36 16.54 12.92
N ASN A 471 22.78 15.49 13.48
CA ASN A 471 21.37 15.47 13.78
C ASN A 471 21.03 16.80 14.42
N TRP A 472 21.80 17.16 15.44
CA TRP A 472 21.61 18.41 16.16
C TRP A 472 21.71 19.53 15.12
N LYS A 473 22.82 19.52 14.39
CA LYS A 473 23.09 20.50 13.34
C LYS A 473 21.91 20.77 12.43
N TRP A 474 21.26 19.68 12.03
CA TRP A 474 20.10 19.69 11.13
C TRP A 474 18.84 20.20 11.82
N SER A 475 18.41 19.53 12.90
CA SER A 475 17.19 19.93 13.62
C SER A 475 17.20 21.40 14.06
N CYS A 476 18.41 21.95 14.09
CA CYS A 476 18.58 23.33 14.49
C CYS A 476 18.02 24.27 13.43
N LYS A 477 16.88 23.89 12.87
CA LYS A 477 16.27 24.71 11.84
C LYS A 477 14.81 24.70 12.10
N GLY A 478 14.37 23.62 12.72
CA GLY A 478 12.96 23.50 13.09
C GLY A 478 12.84 24.20 14.43
N LEU A 479 13.82 25.07 14.66
CA LEU A 479 13.91 25.85 15.88
C LEU A 479 12.96 27.01 15.79
N GLY A 480 12.76 27.53 14.57
CA GLY A 480 11.83 28.62 14.40
C GLY A 480 10.40 28.14 14.20
N ARG A 481 10.26 26.90 13.78
CA ARG A 481 8.94 26.32 13.52
C ARG A 481 8.23 25.71 14.71
N LYS A 482 6.97 25.37 14.46
CA LYS A 482 6.07 24.75 15.42
C LYS A 482 5.29 23.61 14.69
N ILE A 483 4.95 22.57 15.44
CA ILE A 483 4.25 21.42 14.89
C ILE A 483 2.74 21.61 14.98
N LEU A 484 2.05 21.55 13.83
CA LEU A 484 0.61 21.79 13.82
C LEU A 484 -0.32 20.63 13.45
N VAL A 485 0.17 19.77 12.57
CA VAL A 485 -0.51 18.54 12.12
C VAL A 485 -0.86 17.73 13.40
N PRO A 486 -2.03 17.08 13.47
CA PRO A 486 -2.37 16.31 14.68
C PRO A 486 -1.23 15.50 15.34
N ALA A 487 -1.11 15.61 16.67
CA ALA A 487 -0.05 14.91 17.38
C ALA A 487 -0.51 14.21 18.64
N LEU A 488 0.24 13.19 19.03
CA LEU A 488 -0.09 12.42 20.22
C LEU A 488 1.19 12.05 20.91
N MET A 489 1.25 12.25 22.22
CA MET A 489 2.42 11.85 22.97
C MET A 489 1.88 10.91 23.99
N VAL A 490 2.30 9.67 23.86
CA VAL A 490 1.90 8.66 24.79
C VAL A 490 3.13 8.35 25.59
N THR A 491 3.01 8.52 26.91
CA THR A 491 4.12 8.32 27.83
C THR A 491 4.00 7.05 28.67
N ALA A 492 5.14 6.43 28.96
CA ALA A 492 5.14 5.18 29.75
C ALA A 492 5.63 5.51 31.15
N GLU A 493 4.75 5.33 32.14
CA GLU A 493 5.05 5.65 33.56
C GLU A 493 6.43 5.26 34.11
N LYS A 494 6.88 4.03 33.88
CA LYS A 494 8.16 3.56 34.40
C LYS A 494 9.31 3.33 33.39
N ASP A 495 9.39 4.18 32.37
CA ASP A 495 10.45 4.07 31.37
C ASP A 495 11.65 4.70 32.01
N ILE A 496 12.64 3.87 32.22
CA ILE A 496 13.87 4.27 32.85
C ILE A 496 14.61 5.42 32.16
N VAL A 497 14.84 5.36 30.86
CA VAL A 497 15.45 6.49 30.17
C VAL A 497 14.26 6.87 29.35
N LEU A 498 14.08 8.14 29.02
CA LEU A 498 12.89 8.54 28.22
C LEU A 498 11.65 8.55 29.12
N ARG A 499 11.90 8.92 30.38
CA ARG A 499 10.84 9.00 31.36
C ARG A 499 9.87 10.11 30.91
N PRO A 500 8.61 10.07 31.39
CA PRO A 500 7.55 11.04 31.07
C PRO A 500 7.91 12.50 31.30
N GLU A 501 8.58 12.72 32.44
CA GLU A 501 9.04 14.04 32.87
C GLU A 501 9.64 14.87 31.72
N MET A 502 10.42 14.23 30.83
CA MET A 502 11.09 14.88 29.68
C MET A 502 10.18 15.42 28.58
N SER A 503 8.87 15.28 28.75
CA SER A 503 7.94 15.74 27.74
C SER A 503 7.07 16.85 28.22
N LYS A 504 7.31 17.30 29.44
CA LYS A 504 6.48 18.36 30.03
C LYS A 504 6.50 19.68 29.29
N ASN A 505 7.57 19.95 28.55
CA ASN A 505 7.61 21.22 27.83
C ASN A 505 7.01 21.21 26.43
N MET A 506 6.95 20.03 25.82
CA MET A 506 6.44 19.80 24.46
C MET A 506 5.42 20.79 23.86
N GLU A 507 4.35 21.06 24.59
CA GLU A 507 3.31 21.96 24.13
C GLU A 507 3.84 23.36 23.84
N LYS A 508 5.09 23.61 24.17
CA LYS A 508 5.65 24.93 23.90
C LYS A 508 5.84 24.91 22.41
N TRP A 509 6.05 23.70 21.92
CA TRP A 509 6.31 23.38 20.52
C TRP A 509 5.09 22.82 19.83
N ILE A 510 4.38 21.98 20.57
CA ILE A 510 3.22 21.34 20.03
C ILE A 510 1.92 21.60 20.75
N PRO A 511 1.30 22.78 20.44
CA PRO A 511 0.01 23.20 21.02
C PRO A 511 -0.97 22.15 20.53
N PHE A 512 -1.97 21.87 21.36
CA PHE A 512 -2.98 20.85 21.06
C PHE A 512 -2.45 19.44 21.26
N LEU A 513 -1.13 19.30 21.45
CA LEU A 513 -0.57 17.97 21.66
C LEU A 513 -1.55 17.17 22.53
N LYS A 514 -2.03 16.02 22.04
CA LYS A 514 -2.96 15.24 22.86
C LYS A 514 -2.13 14.27 23.65
N ARG A 515 -2.67 13.77 24.75
CA ARG A 515 -1.83 12.92 25.58
C ARG A 515 -2.25 11.53 25.86
N GLY A 516 -1.25 10.69 26.02
CA GLY A 516 -1.56 9.34 26.36
C GLY A 516 -0.61 8.94 27.45
N HIS A 517 -1.15 8.25 28.44
CA HIS A 517 -0.33 7.78 29.53
C HIS A 517 -0.67 6.36 29.99
N ILE A 518 0.32 5.49 29.93
CA ILE A 518 0.15 4.10 30.36
C ILE A 518 0.93 3.80 31.65
N GLU A 519 0.21 3.40 32.70
CA GLU A 519 0.81 3.08 33.99
C GLU A 519 1.55 1.74 33.95
N ASP A 520 2.50 1.56 34.86
CA ASP A 520 3.28 0.31 34.95
C ASP A 520 4.05 -0.07 33.70
N CYS A 521 4.49 0.92 32.91
CA CYS A 521 5.19 0.60 31.68
C CYS A 521 6.72 0.54 31.65
N GLY A 522 7.24 -0.23 30.70
CA GLY A 522 8.67 -0.37 30.52
C GLY A 522 8.97 0.46 29.29
N HIS A 523 10.11 0.20 28.66
CA HIS A 523 10.43 0.93 27.46
C HIS A 523 9.76 0.19 26.31
N TRP A 524 9.46 -1.08 26.59
CA TRP A 524 8.83 -2.00 25.66
C TRP A 524 7.33 -1.89 25.76
N THR A 525 6.82 -0.75 25.33
CA THR A 525 5.41 -0.41 25.42
C THR A 525 4.39 -1.33 24.73
N GLN A 526 4.54 -1.49 23.43
CA GLN A 526 3.65 -2.32 22.61
C GLN A 526 3.60 -3.77 23.11
N ILE A 527 4.79 -4.30 23.31
CA ILE A 527 4.94 -5.66 23.77
C ILE A 527 4.49 -5.86 25.22
N GLU A 528 4.52 -4.78 25.99
CA GLU A 528 4.20 -4.83 27.42
C GLU A 528 2.78 -4.52 27.81
N LYS A 529 2.22 -3.44 27.27
CA LYS A 529 0.83 -3.06 27.56
C LYS A 529 0.23 -2.85 26.18
N PRO A 530 -0.09 -3.93 25.44
CA PRO A 530 -0.64 -3.71 24.11
C PRO A 530 -2.11 -3.34 24.06
N THR A 531 -2.92 -4.19 24.68
CA THR A 531 -4.35 -3.97 24.68
C THR A 531 -4.65 -2.49 24.93
N GLU A 532 -3.84 -1.90 25.79
CA GLU A 532 -4.00 -0.50 26.13
C GLU A 532 -3.60 0.31 24.92
N VAL A 533 -2.31 0.24 24.59
CA VAL A 533 -1.75 0.94 23.43
C VAL A 533 -2.73 0.97 22.24
N ASN A 534 -3.29 -0.19 21.95
CA ASN A 534 -4.25 -0.32 20.88
C ASN A 534 -5.32 0.71 21.16
N GLN A 535 -6.15 0.43 22.17
CA GLN A 535 -7.24 1.33 22.57
C GLN A 535 -6.96 2.81 22.28
N ILE A 536 -5.99 3.32 23.01
CA ILE A 536 -5.56 4.71 22.88
C ILE A 536 -5.33 5.09 21.42
N LEU A 537 -4.45 4.32 20.80
CA LEU A 537 -4.04 4.50 19.41
C LEU A 537 -5.21 4.60 18.48
N ILE A 538 -6.14 3.67 18.65
CA ILE A 538 -7.34 3.65 17.85
C ILE A 538 -8.17 4.88 18.17
N LYS A 539 -8.60 4.98 19.44
CA LYS A 539 -9.41 6.09 19.95
C LYS A 539 -8.86 7.42 19.43
N TRP A 540 -7.55 7.47 19.26
CA TRP A 540 -6.91 8.65 18.75
C TRP A 540 -7.29 8.84 17.31
N LEU A 541 -6.93 7.85 16.49
CA LEU A 541 -7.24 7.84 15.06
C LEU A 541 -8.73 8.04 14.78
N GLN A 542 -9.56 7.40 15.59
CA GLN A 542 -10.99 7.56 15.47
C GLN A 542 -11.25 9.04 15.69
N THR A 543 -11.16 9.49 16.93
CA THR A 543 -11.37 10.90 17.26
C THR A 543 -10.72 11.86 16.21
N GLU A 544 -9.42 12.14 16.32
CA GLU A 544 -8.74 13.06 15.36
C GLU A 544 -7.94 12.34 14.25
N ARG B 4 22.25 17.36 -20.95
CA ARG B 4 21.84 18.75 -20.53
C ARG B 4 20.74 18.70 -19.49
N VAL B 5 20.14 19.87 -19.28
CA VAL B 5 19.14 19.96 -18.25
C VAL B 5 18.29 21.24 -18.33
N ALA B 6 17.08 21.07 -17.85
CA ALA B 6 16.09 22.12 -17.79
C ALA B 6 15.28 21.75 -16.57
N ALA B 7 15.09 22.75 -15.72
CA ALA B 7 14.33 22.61 -14.50
C ALA B 7 13.25 23.68 -14.59
N PHE B 8 12.16 23.48 -13.86
CA PHE B 8 11.02 24.39 -13.93
C PHE B 8 10.50 24.87 -12.55
N ASP B 9 10.04 26.12 -12.47
CA ASP B 9 9.48 26.61 -11.20
C ASP B 9 8.21 25.75 -11.12
N LEU B 10 7.62 25.60 -9.94
CA LEU B 10 6.41 24.81 -9.83
C LEU B 10 5.16 25.68 -9.85
N ASP B 11 5.32 26.99 -9.66
CA ASP B 11 4.15 27.85 -9.68
C ASP B 11 4.29 28.64 -10.95
N GLY B 12 3.15 28.82 -11.62
CA GLY B 12 3.13 29.55 -12.88
C GLY B 12 3.45 28.68 -14.10
N VAL B 13 4.28 27.65 -13.92
CA VAL B 13 4.66 26.77 -15.02
C VAL B 13 4.25 25.31 -14.81
N LEU B 14 4.67 24.72 -13.71
CA LEU B 14 4.30 23.32 -13.51
C LEU B 14 2.95 23.21 -12.81
N ALA B 15 2.73 23.98 -11.75
CA ALA B 15 1.45 23.95 -11.06
C ALA B 15 0.70 25.24 -11.39
N LEU B 16 -0.61 25.10 -11.63
CA LEU B 16 -1.46 26.25 -11.96
C LEU B 16 -2.96 25.98 -11.84
N PRO B 17 -3.77 27.04 -11.99
CA PRO B 17 -3.26 28.39 -12.24
C PRO B 17 -2.62 28.91 -10.96
N SER B 18 -1.53 29.64 -11.16
CA SER B 18 -0.69 30.24 -10.13
C SER B 18 -1.44 30.69 -8.90
N ILE B 19 -0.66 30.82 -7.82
CA ILE B 19 -1.15 31.26 -6.50
C ILE B 19 -1.25 32.76 -6.57
N ALA B 20 -0.37 33.33 -7.38
CA ALA B 20 -0.35 34.75 -7.59
C ALA B 20 -1.78 35.28 -7.90
N GLY B 21 -2.25 35.00 -9.12
CA GLY B 21 -3.56 35.44 -9.57
C GLY B 21 -4.55 35.62 -8.45
N ALA B 22 -4.51 34.71 -7.48
CA ALA B 22 -5.41 34.73 -6.32
C ALA B 22 -5.27 36.06 -5.59
N PHE B 23 -4.01 36.41 -5.35
CA PHE B 23 -3.62 37.63 -4.67
C PHE B 23 -4.20 38.83 -5.39
N ARG B 24 -3.93 38.88 -6.69
CA ARG B 24 -4.42 39.94 -7.53
C ARG B 24 -5.91 40.17 -7.38
N ARG B 25 -6.69 39.09 -7.45
CA ARG B 25 -8.13 39.23 -7.35
C ARG B 25 -8.73 39.21 -5.91
N SER B 26 -8.00 39.81 -4.99
CA SER B 26 -8.37 39.96 -3.58
C SER B 26 -7.88 41.39 -3.38
N GLU B 27 -6.88 41.72 -4.21
CA GLU B 27 -6.33 43.07 -4.30
C GLU B 27 -7.41 43.66 -5.21
N GLU B 28 -8.46 42.84 -5.38
CA GLU B 28 -9.65 43.11 -6.19
C GLU B 28 -10.78 43.19 -5.21
N ALA B 29 -11.10 42.03 -4.62
CA ALA B 29 -12.16 41.94 -3.62
C ALA B 29 -12.10 43.09 -2.60
N LEU B 30 -10.97 43.81 -2.56
CA LEU B 30 -10.80 44.92 -1.63
C LEU B 30 -10.10 46.09 -2.30
N ALA B 31 -10.38 47.29 -1.78
CA ALA B 31 -9.78 48.51 -2.31
C ALA B 31 -8.39 48.17 -2.83
N LEU B 32 -7.54 47.79 -1.87
CA LEU B 32 -6.14 47.43 -2.04
C LEU B 32 -5.54 47.68 -3.40
N PRO B 33 -4.60 48.63 -3.47
CA PRO B 33 -3.94 48.99 -4.73
C PRO B 33 -2.94 47.98 -5.32
N ARG B 34 -2.91 47.94 -6.65
CA ARG B 34 -2.02 47.08 -7.43
C ARG B 34 -0.77 46.61 -6.69
N ASP B 35 -0.67 45.29 -6.48
CA ASP B 35 0.49 44.68 -5.84
C ASP B 35 0.50 44.70 -4.31
N PHE B 36 -0.45 45.38 -3.67
CA PHE B 36 -0.38 45.42 -2.22
C PHE B 36 -0.26 44.05 -1.57
N LEU B 37 -1.16 43.16 -1.93
CA LEU B 37 -1.14 41.80 -1.38
C LEU B 37 -0.14 40.84 -2.04
N LEU B 38 -0.07 40.85 -3.36
CA LEU B 38 0.88 39.98 -4.04
C LEU B 38 2.29 40.29 -3.56
N GLY B 39 2.66 41.57 -3.56
CA GLY B 39 3.99 41.99 -3.13
C GLY B 39 4.66 41.17 -2.03
N ALA B 40 3.87 40.48 -1.22
CA ALA B 40 4.45 39.65 -0.18
C ALA B 40 5.30 38.56 -0.85
N TYR B 41 4.64 37.88 -1.79
CA TYR B 41 5.15 36.78 -2.64
C TYR B 41 6.11 37.26 -3.75
N GLN B 42 5.62 38.20 -4.55
CA GLN B 42 6.36 38.80 -5.65
C GLN B 42 7.05 40.11 -5.23
N THR B 43 8.38 40.16 -5.30
CA THR B 43 9.08 41.41 -4.95
C THR B 43 10.35 41.76 -5.76
N GLU B 44 11.39 40.94 -5.55
CA GLU B 44 12.74 41.06 -6.13
C GLU B 44 13.60 41.06 -4.84
N PHE B 45 13.31 42.02 -3.96
CA PHE B 45 13.97 42.11 -2.65
C PHE B 45 12.94 41.74 -1.56
N PRO B 46 12.90 40.44 -1.23
CA PRO B 46 12.06 39.73 -0.26
C PRO B 46 12.43 39.88 1.21
N GLU B 47 11.44 40.17 2.03
CA GLU B 47 11.73 40.33 3.43
C GLU B 47 10.55 40.05 4.32
N GLY B 48 10.86 39.69 5.55
CA GLY B 48 9.83 39.53 6.56
C GLY B 48 9.21 38.24 7.00
N PRO B 49 7.87 38.19 6.94
CA PRO B 49 7.06 37.02 7.31
C PRO B 49 7.08 35.97 6.21
N THR B 50 6.92 36.41 4.96
CA THR B 50 6.95 35.46 3.85
C THR B 50 8.38 35.00 3.63
N GLU B 51 9.33 35.88 3.96
CA GLU B 51 10.76 35.60 3.78
C GLU B 51 11.24 34.52 4.70
N GLN B 52 10.54 34.37 5.81
CA GLN B 52 10.84 33.34 6.80
C GLN B 52 10.14 32.01 6.36
N LEU B 53 9.18 32.15 5.45
CA LEU B 53 8.40 31.05 4.89
C LEU B 53 9.18 30.40 3.79
N MET B 54 9.39 31.19 2.74
CA MET B 54 10.13 30.73 1.60
C MET B 54 11.42 30.07 2.05
N LYS B 55 12.08 30.67 3.05
CA LYS B 55 13.37 30.17 3.58
C LYS B 55 13.15 28.92 4.41
N GLY B 56 11.90 28.71 4.84
CA GLY B 56 11.57 27.55 5.65
C GLY B 56 12.07 27.60 7.09
N LYS B 57 11.85 28.74 7.77
CA LYS B 57 12.26 28.96 9.16
C LYS B 57 11.08 28.65 10.11
N ILE B 58 9.87 28.98 9.62
CA ILE B 58 8.58 28.78 10.29
C ILE B 58 7.60 28.20 9.26
N THR B 59 6.72 27.30 9.71
CA THR B 59 5.73 26.70 8.83
C THR B 59 4.89 27.82 8.24
N PHE B 60 3.77 27.49 7.61
CA PHE B 60 2.92 28.52 7.04
C PHE B 60 1.85 29.01 8.05
N SER B 61 1.31 28.09 8.86
CA SER B 61 0.29 28.46 9.85
C SER B 61 0.86 29.51 10.80
N GLN B 62 2.11 29.33 11.18
CA GLN B 62 2.79 30.29 12.03
C GLN B 62 2.52 31.55 11.24
N TRP B 63 3.01 31.51 10.02
CA TRP B 63 2.91 32.61 9.06
C TRP B 63 1.57 33.30 8.83
N VAL B 64 0.50 32.85 9.48
CA VAL B 64 -0.81 33.48 9.29
C VAL B 64 -0.82 34.60 10.29
N PRO B 65 -0.84 34.25 11.58
CA PRO B 65 -0.85 35.33 12.55
C PRO B 65 0.12 36.44 12.15
N LEU B 66 1.38 36.07 11.92
CA LEU B 66 2.42 37.06 11.60
C LEU B 66 2.23 37.89 10.33
N MET B 67 1.82 37.27 9.26
CA MET B 67 1.67 38.05 8.07
C MET B 67 0.34 38.76 8.00
N ASP B 68 -0.66 38.30 8.75
CA ASP B 68 -1.90 39.03 8.69
C ASP B 68 -1.44 40.38 9.24
N GLU B 69 -1.12 40.36 10.53
CA GLU B 69 -0.64 41.50 11.29
C GLU B 69 0.56 42.22 10.69
N SER B 70 1.18 41.63 9.66
CA SER B 70 2.31 42.29 9.01
C SER B 70 1.68 43.22 7.98
N TYR B 71 0.54 42.81 7.45
CA TYR B 71 -0.14 43.63 6.48
C TYR B 71 -0.84 44.76 7.22
N ARG B 72 -1.49 44.44 8.34
CA ARG B 72 -2.15 45.47 9.15
C ARG B 72 -1.24 46.69 9.31
N LYS B 73 0.07 46.46 9.26
CA LYS B 73 1.01 47.54 9.38
C LYS B 73 0.72 48.46 8.21
N SER B 74 1.28 48.11 7.05
CA SER B 74 1.11 48.89 5.84
C SER B 74 -0.35 49.16 5.46
N SER B 75 -1.29 48.72 6.30
CA SER B 75 -2.74 48.92 6.06
C SER B 75 -3.01 50.42 5.98
N LYS B 76 -4.11 50.88 6.60
CA LYS B 76 -4.45 52.32 6.64
C LYS B 76 -3.20 53.07 7.16
N ALA B 77 -2.39 52.31 7.90
CA ALA B 77 -1.15 52.78 8.46
C ALA B 77 -0.25 52.61 7.26
N CYS B 78 0.07 53.73 6.60
CA CYS B 78 0.95 53.80 5.40
C CYS B 78 0.34 53.69 3.98
N GLY B 79 -0.71 54.46 3.71
CA GLY B 79 -1.36 54.43 2.41
C GLY B 79 -2.23 53.19 2.22
N ALA B 80 -3.38 53.34 1.57
CA ALA B 80 -4.28 52.21 1.33
C ALA B 80 -5.12 51.83 2.56
N ASN B 81 -6.31 51.27 2.31
CA ASN B 81 -7.25 50.87 3.35
C ASN B 81 -7.37 49.34 3.50
N LEU B 82 -6.83 48.78 4.59
CA LEU B 82 -6.92 47.33 4.82
C LEU B 82 -7.84 46.95 6.01
N PRO B 83 -8.99 46.26 5.74
CA PRO B 83 -10.02 45.79 6.68
C PRO B 83 -9.56 45.25 8.03
N GLU B 84 -10.35 45.53 9.06
CA GLU B 84 -10.02 45.10 10.42
C GLU B 84 -10.16 43.58 10.60
N ASN B 85 -11.40 43.07 10.55
CA ASN B 85 -11.65 41.63 10.64
C ASN B 85 -11.24 41.17 9.23
N PHE B 86 -9.93 40.95 9.08
CA PHE B 86 -9.28 40.56 7.82
C PHE B 86 -8.27 39.43 7.93
N SER B 87 -8.01 38.76 6.80
CA SER B 87 -7.04 37.67 6.72
C SER B 87 -6.53 37.27 5.33
N ILE B 88 -5.62 36.31 5.33
CA ILE B 88 -4.99 35.80 4.11
C ILE B 88 -4.93 34.28 4.13
N SER B 89 -5.35 33.68 5.24
CA SER B 89 -5.32 32.24 5.41
C SER B 89 -5.97 31.50 4.25
N GLN B 90 -7.27 31.19 4.41
CA GLN B 90 -8.04 30.45 3.41
C GLN B 90 -8.33 31.20 2.14
N ILE B 91 -7.37 31.97 1.68
CA ILE B 91 -7.48 32.74 0.45
C ILE B 91 -6.09 32.48 -0.17
N PHE B 92 -5.55 31.35 0.24
CA PHE B 92 -4.22 30.92 -0.14
C PHE B 92 -4.32 29.38 0.10
N SER B 93 -4.78 28.99 1.28
CA SER B 93 -4.95 27.57 1.51
C SER B 93 -6.13 27.13 0.61
N GLN B 94 -6.63 28.09 -0.19
CA GLN B 94 -7.72 27.83 -1.15
C GLN B 94 -7.25 27.92 -2.59
N ALA B 95 -6.48 28.98 -2.82
CA ALA B 95 -5.91 29.22 -4.11
C ALA B 95 -4.88 28.15 -4.44
N MET B 96 -4.38 27.43 -3.43
CA MET B 96 -3.38 26.38 -3.65
C MET B 96 -4.09 25.09 -3.90
N ALA B 97 -5.05 24.79 -3.04
CA ALA B 97 -5.81 23.58 -3.19
C ALA B 97 -6.53 23.64 -4.53
N ALA B 98 -6.55 24.84 -5.11
CA ALA B 98 -7.24 25.08 -6.38
C ALA B 98 -6.29 25.15 -7.59
N ARG B 99 -5.02 24.85 -7.35
CA ARG B 99 -4.03 24.84 -8.43
C ARG B 99 -3.69 23.35 -8.78
N SER B 100 -3.81 22.97 -10.06
CA SER B 100 -3.52 21.60 -10.53
C SER B 100 -2.33 21.50 -11.47
N ILE B 101 -1.97 20.29 -11.90
CA ILE B 101 -0.80 20.19 -12.79
C ILE B 101 -1.07 20.65 -14.18
N ASN B 102 -0.07 21.37 -14.71
CA ASN B 102 -0.05 21.94 -16.07
C ASN B 102 0.31 20.80 -17.00
N ARG B 103 -0.69 19.95 -17.26
CA ARG B 103 -0.59 18.76 -18.09
C ARG B 103 0.53 18.85 -19.14
N PRO B 104 0.41 19.77 -20.12
CA PRO B 104 1.40 19.99 -21.18
C PRO B 104 2.85 20.15 -20.73
N MET B 105 3.05 20.87 -19.62
CA MET B 105 4.40 21.09 -19.05
C MET B 105 5.02 19.77 -18.66
N LEU B 106 4.36 19.12 -17.70
CA LEU B 106 4.81 17.84 -17.21
C LEU B 106 5.19 16.97 -18.41
N GLN B 107 4.34 16.97 -19.44
CA GLN B 107 4.55 16.19 -20.67
C GLN B 107 5.91 16.48 -21.27
N ALA B 108 6.15 17.79 -21.46
CA ALA B 108 7.40 18.32 -22.00
C ALA B 108 8.55 18.01 -21.05
N ALA B 109 8.20 17.88 -19.78
CA ALA B 109 9.19 17.56 -18.75
C ALA B 109 9.71 16.14 -18.88
N ILE B 110 8.77 15.22 -19.13
CA ILE B 110 9.09 13.81 -19.25
C ILE B 110 9.84 13.60 -20.53
N ALA B 111 9.46 14.42 -21.52
CA ALA B 111 10.10 14.38 -22.82
C ALA B 111 11.65 14.36 -22.70
N LEU B 112 12.22 15.50 -22.33
CA LEU B 112 13.66 15.64 -22.19
C LEU B 112 14.29 14.76 -21.14
N LYS B 113 13.48 13.97 -20.44
CA LYS B 113 14.01 13.04 -19.45
C LYS B 113 14.28 11.78 -20.29
N LYS B 114 13.30 11.53 -21.15
CA LYS B 114 13.36 10.43 -22.06
C LYS B 114 14.52 10.81 -22.98
N LYS B 115 14.48 12.04 -23.51
CA LYS B 115 15.53 12.50 -24.41
C LYS B 115 16.89 12.60 -23.72
N GLY B 116 16.90 12.53 -22.40
CA GLY B 116 18.16 12.59 -21.65
C GLY B 116 18.67 13.93 -21.10
N PHE B 117 17.91 14.57 -20.23
CA PHE B 117 18.37 15.82 -19.61
C PHE B 117 18.20 15.47 -18.16
N THR B 118 18.58 16.38 -17.28
CA THR B 118 18.30 16.13 -15.90
C THR B 118 17.17 17.17 -15.79
N THR B 119 16.07 16.75 -15.21
CA THR B 119 14.98 17.65 -15.04
C THR B 119 14.93 17.90 -13.57
N CYS B 120 14.42 19.07 -13.23
CA CYS B 120 14.29 19.43 -11.85
C CYS B 120 13.32 20.56 -11.84
N ILE B 121 13.09 21.04 -10.65
CA ILE B 121 12.21 22.16 -10.35
C ILE B 121 12.85 22.95 -9.22
N VAL B 122 13.09 24.22 -9.46
CA VAL B 122 13.67 25.04 -8.43
C VAL B 122 12.55 26.06 -8.07
N THR B 123 11.83 25.75 -6.99
CA THR B 123 10.73 26.58 -6.53
C THR B 123 10.90 27.13 -5.10
N ASN B 124 10.17 28.22 -4.82
CA ASN B 124 10.14 28.88 -3.50
C ASN B 124 8.97 28.18 -2.79
N ASN B 125 9.25 27.03 -2.18
CA ASN B 125 8.21 26.28 -1.48
C ASN B 125 8.07 26.80 -0.06
N TRP B 126 7.43 26.01 0.77
CA TRP B 126 7.28 26.36 2.16
C TRP B 126 6.66 25.12 2.74
N LEU B 127 6.71 24.98 4.06
CA LEU B 127 6.13 23.80 4.63
C LEU B 127 4.71 24.17 4.87
N ASP B 128 3.81 23.24 4.62
CA ASP B 128 2.42 23.50 4.78
C ASP B 128 1.87 22.56 5.79
N ASP B 129 1.51 23.07 6.97
CA ASP B 129 0.85 22.23 7.99
C ASP B 129 -0.66 22.56 7.91
N GLY B 130 -1.06 23.13 6.75
CA GLY B 130 -2.45 23.50 6.44
C GLY B 130 -3.44 22.34 6.26
N ASP B 131 -4.71 22.66 6.08
CA ASP B 131 -5.74 21.61 5.95
C ASP B 131 -5.67 20.81 4.66
N LYS B 132 -5.75 21.56 3.57
CA LYS B 132 -5.64 20.99 2.25
C LYS B 132 -4.14 20.88 2.13
N ARG B 133 -3.49 20.39 3.17
CA ARG B 133 -2.06 20.32 3.05
C ARG B 133 -1.83 19.15 2.18
N ASP B 134 -2.78 18.22 2.27
CA ASP B 134 -2.76 16.98 1.49
C ASP B 134 -2.68 17.34 -0.01
N SER B 135 -3.65 18.10 -0.49
CA SER B 135 -3.65 18.54 -1.87
C SER B 135 -2.21 18.77 -2.29
N LEU B 136 -1.44 19.37 -1.41
CA LEU B 136 -0.07 19.65 -1.74
C LEU B 136 0.79 18.40 -1.96
N ALA B 137 0.62 17.38 -1.11
CA ALA B 137 1.42 16.15 -1.19
C ALA B 137 1.28 15.39 -2.52
N GLN B 138 0.02 15.14 -2.91
CA GLN B 138 -0.35 14.43 -4.12
C GLN B 138 0.40 15.00 -5.29
N MET B 139 0.25 16.32 -5.44
CA MET B 139 0.92 17.05 -6.52
C MET B 139 2.43 16.86 -6.46
N MET B 140 2.96 16.82 -5.25
CA MET B 140 4.39 16.67 -5.09
C MET B 140 4.73 15.22 -5.24
N CYS B 141 3.77 14.40 -4.84
CA CYS B 141 3.86 12.95 -4.94
C CYS B 141 4.02 12.54 -6.39
N GLU B 142 3.09 13.00 -7.22
CA GLU B 142 3.07 12.74 -8.66
C GLU B 142 4.35 13.17 -9.41
N LEU B 143 4.61 14.48 -9.42
CA LEU B 143 5.76 15.03 -10.13
C LEU B 143 6.98 14.33 -9.69
N SER B 144 6.88 13.81 -8.48
CA SER B 144 7.96 13.11 -7.82
C SER B 144 9.02 12.48 -8.75
N GLN B 145 8.56 11.55 -9.58
CA GLN B 145 9.40 10.76 -10.48
C GLN B 145 10.05 11.42 -11.69
N HIS B 146 9.27 12.22 -12.39
CA HIS B 146 9.66 12.91 -13.61
C HIS B 146 10.81 13.87 -13.54
N PHE B 147 11.18 14.30 -12.33
CA PHE B 147 12.32 15.22 -12.20
C PHE B 147 13.32 14.58 -11.32
N ASP B 148 14.55 14.69 -11.71
CA ASP B 148 15.60 14.05 -10.97
C ASP B 148 15.95 14.81 -9.70
N PHE B 149 15.75 16.14 -9.75
CA PHE B 149 16.08 17.06 -8.64
C PHE B 149 14.95 17.90 -8.04
N LEU B 150 15.05 18.14 -6.73
CA LEU B 150 14.08 18.99 -5.98
C LEU B 150 14.74 20.02 -5.06
N ILE B 151 14.92 21.22 -5.60
CA ILE B 151 15.54 22.32 -4.86
C ILE B 151 14.42 23.24 -4.40
N GLU B 152 13.94 22.99 -3.20
CA GLU B 152 12.87 23.80 -2.68
C GLU B 152 13.41 24.85 -1.72
N SER B 153 12.96 26.10 -1.88
CA SER B 153 13.41 27.21 -1.02
C SER B 153 13.27 26.82 0.45
N CYS B 154 12.11 26.30 0.77
CA CYS B 154 11.80 25.92 2.10
C CYS B 154 12.60 24.73 2.62
N GLN B 155 13.59 24.27 1.86
CA GLN B 155 14.39 23.14 2.31
C GLN B 155 15.85 23.48 2.45
N VAL B 156 16.44 23.94 1.37
CA VAL B 156 17.84 24.31 1.43
C VAL B 156 18.00 25.51 2.36
N GLY B 157 17.30 26.60 2.02
CA GLY B 157 17.36 27.81 2.82
C GLY B 157 17.61 29.12 2.07
N MET B 158 17.60 29.07 0.74
CA MET B 158 17.80 30.28 -0.05
C MET B 158 16.50 30.48 -0.78
N ILE B 159 16.31 31.66 -1.36
CA ILE B 159 15.08 31.91 -2.05
C ILE B 159 15.38 32.66 -3.33
N LYS B 160 14.46 32.55 -4.28
CA LYS B 160 14.60 33.17 -5.57
C LYS B 160 14.16 34.61 -5.38
N PRO B 161 14.90 35.57 -5.98
CA PRO B 161 16.10 35.39 -6.80
C PRO B 161 17.43 35.58 -6.09
N GLU B 162 17.49 35.31 -4.80
CA GLU B 162 18.76 35.49 -4.12
C GLU B 162 19.67 34.50 -4.82
N PRO B 163 20.79 35.00 -5.38
CA PRO B 163 21.81 34.23 -6.09
C PRO B 163 22.17 32.91 -5.41
N GLN B 164 22.03 32.88 -4.09
CA GLN B 164 22.32 31.69 -3.30
C GLN B 164 21.91 30.41 -4.00
N ILE B 165 20.59 30.24 -4.18
CA ILE B 165 19.97 29.04 -4.81
C ILE B 165 20.61 28.62 -6.16
N TYR B 166 20.37 29.39 -7.21
CA TYR B 166 20.96 29.10 -8.51
C TYR B 166 22.32 28.43 -8.29
N ASN B 167 23.27 29.17 -7.77
CA ASN B 167 24.60 28.63 -7.53
C ASN B 167 24.62 27.29 -6.80
N PHE B 168 23.56 27.01 -6.05
CA PHE B 168 23.52 25.75 -5.33
C PHE B 168 22.97 24.65 -6.22
N LEU B 169 22.07 25.05 -7.11
CA LEU B 169 21.47 24.14 -8.07
C LEU B 169 22.62 23.72 -8.96
N LEU B 170 23.28 24.70 -9.59
CA LEU B 170 24.42 24.43 -10.46
C LEU B 170 25.38 23.47 -9.73
N ASP B 171 25.86 23.85 -8.55
CA ASP B 171 26.75 22.96 -7.81
C ASP B 171 26.15 21.56 -7.55
N THR B 172 24.82 21.46 -7.57
CA THR B 172 24.14 20.19 -7.34
C THR B 172 24.15 19.35 -8.62
N LEU B 173 23.73 19.93 -9.74
CA LEU B 173 23.84 19.16 -10.97
C LEU B 173 25.36 19.03 -11.03
N LYS B 174 25.97 20.15 -11.44
CA LYS B 174 27.41 20.37 -11.61
C LYS B 174 27.52 20.63 -13.10
N ALA B 175 26.81 21.67 -13.54
CA ALA B 175 26.82 22.08 -14.93
C ALA B 175 27.37 23.51 -15.08
N LYS B 176 27.06 24.15 -16.20
CA LYS B 176 27.50 25.50 -16.43
C LYS B 176 26.23 26.31 -16.67
N PRO B 177 26.25 27.61 -16.34
CA PRO B 177 25.07 28.45 -16.55
C PRO B 177 24.46 28.29 -17.95
N ASN B 178 25.25 27.80 -18.91
CA ASN B 178 24.76 27.63 -20.29
C ASN B 178 23.94 26.37 -20.59
N GLU B 179 24.53 25.19 -20.35
CA GLU B 179 23.88 23.92 -20.63
C GLU B 179 22.67 23.58 -19.79
N VAL B 180 22.02 24.61 -19.29
CA VAL B 180 20.86 24.44 -18.48
C VAL B 180 19.87 25.54 -18.86
N VAL B 181 18.60 25.20 -18.77
CA VAL B 181 17.56 26.14 -19.10
C VAL B 181 16.66 26.33 -17.87
N PHE B 182 15.96 27.45 -17.84
CA PHE B 182 15.07 27.78 -16.73
C PHE B 182 13.87 28.59 -17.23
N LEU B 183 12.80 28.54 -16.45
CA LEU B 183 11.57 29.21 -16.78
C LEU B 183 10.81 29.54 -15.49
N ASP B 184 10.18 30.70 -15.47
CA ASP B 184 9.42 31.08 -14.30
C ASP B 184 8.33 32.07 -14.72
N ASP B 185 7.18 31.97 -14.10
CA ASP B 185 6.09 32.88 -14.42
C ASP B 185 6.46 34.32 -14.05
N PHE B 186 7.58 34.50 -13.33
CA PHE B 186 8.05 35.79 -12.81
C PHE B 186 8.99 36.71 -13.62
N GLY B 187 10.11 36.19 -14.11
CA GLY B 187 11.02 37.02 -14.89
C GLY B 187 11.96 37.85 -14.02
N SER B 188 11.41 38.42 -12.93
CA SER B 188 12.19 39.21 -11.97
C SER B 188 13.04 38.17 -11.24
N ASN B 189 12.67 36.93 -11.52
CA ASN B 189 13.27 35.70 -11.01
C ASN B 189 14.31 35.27 -12.02
N LEU B 190 13.95 35.46 -13.28
CA LEU B 190 14.77 35.14 -14.43
C LEU B 190 16.01 36.02 -14.47
N LYS B 191 15.83 37.28 -14.07
CA LYS B 191 16.95 38.23 -14.07
C LYS B 191 18.31 37.57 -13.74
N PRO B 192 18.46 36.98 -12.52
CA PRO B 192 19.72 36.32 -12.08
C PRO B 192 20.39 35.26 -12.96
N ALA B 193 19.57 34.42 -13.62
CA ALA B 193 20.08 33.36 -14.50
C ALA B 193 20.51 33.83 -15.91
N ARG B 194 19.83 34.86 -16.44
CA ARG B 194 20.18 35.45 -17.75
C ARG B 194 21.40 36.35 -17.48
N ASP B 195 21.90 36.25 -16.25
CA ASP B 195 23.04 37.00 -15.83
C ASP B 195 24.20 36.02 -15.68
N MET B 196 23.93 34.86 -15.07
CA MET B 196 24.98 33.85 -14.93
C MET B 196 25.24 33.41 -16.37
N GLY B 197 24.16 33.08 -17.08
CA GLY B 197 24.25 32.64 -18.46
C GLY B 197 23.43 31.39 -18.75
N MET B 198 22.16 31.41 -18.35
CA MET B 198 21.25 30.29 -18.58
C MET B 198 20.13 30.71 -19.56
N VAL B 199 19.42 29.73 -20.12
CA VAL B 199 18.39 30.03 -21.11
C VAL B 199 17.02 30.43 -20.56
N THR B 200 16.78 31.74 -20.43
CA THR B 200 15.50 32.21 -19.89
C THR B 200 14.23 31.84 -20.68
N ILE B 201 13.14 31.61 -19.95
CA ILE B 201 11.85 31.32 -20.58
C ILE B 201 10.74 31.86 -19.71
N LEU B 202 10.18 32.99 -20.09
CA LEU B 202 9.11 33.55 -19.30
C LEU B 202 7.90 32.66 -19.57
N VAL B 203 7.66 31.69 -18.69
CA VAL B 203 6.52 30.78 -18.81
C VAL B 203 5.18 31.51 -18.71
N HIS B 204 5.05 32.62 -19.43
CA HIS B 204 3.82 33.39 -19.46
C HIS B 204 2.76 32.58 -20.24
N ASN B 205 1.51 32.64 -19.77
CA ASN B 205 0.39 31.91 -20.40
C ASN B 205 -0.10 30.76 -19.48
N THR B 206 -0.41 29.66 -20.18
CA THR B 206 -0.85 28.40 -19.62
C THR B 206 0.23 27.46 -20.23
N ALA B 207 1.11 28.10 -21.03
CA ALA B 207 2.25 27.49 -21.71
C ALA B 207 2.10 27.57 -23.22
N SER B 208 2.79 26.64 -23.91
CA SER B 208 2.84 26.51 -25.38
C SER B 208 3.53 27.74 -25.93
N ALA B 209 2.98 28.91 -25.63
CA ALA B 209 3.62 30.15 -26.02
C ALA B 209 5.03 29.79 -25.51
N LEU B 210 5.07 29.27 -24.30
CA LEU B 210 6.31 28.82 -23.71
C LEU B 210 6.89 27.78 -24.67
N ARG B 211 6.25 26.60 -24.72
CA ARG B 211 6.64 25.45 -25.56
C ARG B 211 6.93 25.71 -27.07
N GLU B 212 7.13 26.98 -27.42
CA GLU B 212 7.44 27.39 -28.79
C GLU B 212 8.92 27.79 -28.86
N LEU B 213 9.21 29.04 -28.46
CA LEU B 213 10.59 29.56 -28.44
C LEU B 213 11.37 28.71 -27.44
N GLU B 214 10.79 27.55 -27.14
CA GLU B 214 11.29 26.55 -26.22
C GLU B 214 11.38 25.21 -26.96
N LYS B 215 10.31 24.91 -27.72
CA LYS B 215 10.25 23.69 -28.54
C LYS B 215 11.65 23.66 -29.18
N VAL B 216 11.91 24.65 -30.03
CA VAL B 216 13.19 24.87 -30.73
C VAL B 216 14.34 24.23 -29.93
N THR B 217 14.61 24.85 -28.78
CA THR B 217 15.63 24.39 -27.88
C THR B 217 15.30 23.00 -27.33
N GLY B 218 16.11 22.04 -27.74
CA GLY B 218 15.89 20.68 -27.31
C GLY B 218 15.29 19.90 -28.47
N THR B 219 14.01 20.14 -28.78
CA THR B 219 13.31 19.46 -29.88
C THR B 219 11.86 19.91 -30.12
N GLN B 220 11.00 18.92 -30.41
CA GLN B 220 9.58 19.14 -30.69
C GLN B 220 8.76 18.13 -29.88
N PHE B 221 7.69 18.64 -29.29
CA PHE B 221 6.85 17.82 -28.43
C PHE B 221 5.56 17.29 -29.07
N PRO B 222 5.30 16.00 -28.88
CA PRO B 222 4.12 15.36 -29.42
C PRO B 222 2.88 16.09 -28.96
N GLU B 223 1.89 16.05 -29.83
CA GLU B 223 0.56 16.63 -29.70
C GLU B 223 -0.25 16.14 -28.49
N ALA B 224 -0.43 14.81 -28.41
CA ALA B 224 -1.15 14.18 -27.31
C ALA B 224 -0.37 12.92 -26.86
N PRO B 225 0.82 13.13 -26.26
CA PRO B 225 1.68 12.04 -25.80
C PRO B 225 1.08 10.82 -25.14
N LEU B 226 1.97 9.88 -24.89
CA LEU B 226 1.73 8.57 -24.27
C LEU B 226 1.56 8.69 -22.74
N PRO B 227 0.43 8.20 -22.18
CA PRO B 227 0.15 8.28 -20.73
C PRO B 227 1.17 7.68 -19.82
N VAL B 228 1.46 8.44 -18.75
CA VAL B 228 2.39 8.07 -17.69
C VAL B 228 2.31 6.57 -17.42
N PRO B 229 3.35 5.81 -17.86
CA PRO B 229 3.46 4.36 -17.70
C PRO B 229 4.38 3.93 -16.58
N CYS B 230 3.84 3.75 -15.38
CA CYS B 230 4.65 3.31 -14.23
C CYS B 230 5.75 2.42 -14.78
N ASN B 231 7.00 2.57 -14.35
CA ASN B 231 8.03 1.73 -14.96
C ASN B 231 9.42 1.47 -14.38
N PRO B 232 9.60 0.30 -13.79
CA PRO B 232 9.18 -1.03 -13.32
C PRO B 232 10.09 -1.39 -12.12
N ASN B 233 11.26 -0.74 -12.11
CA ASN B 233 12.26 -0.96 -11.09
C ASN B 233 11.82 -0.30 -9.78
N ASP B 234 11.46 0.99 -9.85
CA ASP B 234 11.07 1.73 -8.66
C ASP B 234 9.59 1.78 -8.40
N VAL B 235 9.03 0.60 -8.18
CA VAL B 235 7.62 0.43 -7.86
C VAL B 235 7.66 -0.57 -6.68
N SER B 236 6.68 -0.55 -5.79
CA SER B 236 6.69 -1.44 -4.61
C SER B 236 6.48 -2.87 -5.12
N HIS B 237 7.15 -3.84 -4.48
CA HIS B 237 7.02 -5.23 -4.91
C HIS B 237 6.45 -6.16 -3.81
N GLY B 238 5.15 -6.07 -3.55
CA GLY B 238 4.55 -6.92 -2.51
C GLY B 238 4.72 -8.40 -2.83
N TYR B 239 4.60 -9.28 -1.82
CA TYR B 239 4.80 -10.73 -2.00
C TYR B 239 4.03 -11.71 -1.08
N VAL B 240 2.70 -11.68 -1.11
CA VAL B 240 1.85 -12.57 -0.30
C VAL B 240 2.04 -14.07 -0.57
N THR B 241 1.98 -14.88 0.46
CA THR B 241 2.14 -16.31 0.30
C THR B 241 0.88 -17.02 0.81
N VAL B 242 0.03 -17.45 -0.11
CA VAL B 242 -1.26 -18.13 0.18
C VAL B 242 -1.23 -19.55 0.68
N LYS B 243 -0.83 -20.47 -0.19
CA LYS B 243 -0.73 -21.90 0.14
C LYS B 243 0.74 -22.11 0.46
N PRO B 244 1.09 -23.26 1.04
CA PRO B 244 2.47 -23.58 1.38
C PRO B 244 3.45 -23.18 0.31
N GLY B 245 3.53 -24.00 -0.73
CA GLY B 245 4.49 -23.69 -1.78
C GLY B 245 4.15 -22.55 -2.71
N ILE B 246 2.96 -22.00 -2.55
CA ILE B 246 2.48 -20.96 -3.44
C ILE B 246 2.47 -19.51 -2.99
N ARG B 247 3.24 -18.68 -3.68
CA ARG B 247 3.33 -17.28 -3.36
C ARG B 247 2.81 -16.47 -4.56
N LEU B 248 2.30 -15.27 -4.30
CA LEU B 248 1.77 -14.42 -5.35
C LEU B 248 2.49 -13.10 -5.36
N HIS B 249 3.19 -12.77 -6.43
CA HIS B 249 3.90 -11.50 -6.46
C HIS B 249 2.93 -10.50 -7.06
N PHE B 250 3.20 -9.22 -6.86
CA PHE B 250 2.38 -8.16 -7.40
C PHE B 250 3.07 -6.81 -7.20
N VAL B 251 2.41 -5.77 -7.68
CA VAL B 251 2.94 -4.44 -7.55
C VAL B 251 1.86 -3.54 -6.94
N GLU B 252 2.31 -2.52 -6.20
CA GLU B 252 1.43 -1.58 -5.50
C GLU B 252 1.79 -0.13 -5.76
N MET B 253 0.74 0.63 -6.01
CA MET B 253 0.86 2.05 -6.30
C MET B 253 -0.41 2.78 -5.91
N GLY B 254 -0.23 3.93 -5.24
CA GLY B 254 -1.33 4.77 -4.84
C GLY B 254 -2.09 4.29 -3.62
N SER B 255 -2.89 5.20 -3.04
CA SER B 255 -3.67 4.91 -1.84
C SER B 255 -5.18 4.66 -2.00
N GLY B 256 -5.63 3.58 -1.33
CA GLY B 256 -6.99 3.04 -1.25
C GLY B 256 -8.11 3.81 -1.90
N PRO B 257 -9.24 3.18 -2.28
CA PRO B 257 -9.54 1.75 -2.14
C PRO B 257 -8.75 0.93 -3.19
N ALA B 258 -8.78 -0.37 -3.01
CA ALA B 258 -8.02 -1.27 -3.86
C ALA B 258 -8.72 -1.86 -5.10
N LEU B 259 -7.92 -2.02 -6.15
CA LEU B 259 -8.37 -2.62 -7.39
C LEU B 259 -7.26 -3.50 -8.00
N CYS B 260 -7.56 -4.79 -8.06
CA CYS B 260 -6.63 -5.77 -8.58
C CYS B 260 -6.72 -5.83 -10.09
N LEU B 261 -5.56 -5.63 -10.71
CA LEU B 261 -5.41 -5.65 -12.16
C LEU B 261 -4.90 -7.01 -12.56
N CYS B 262 -5.80 -7.93 -12.91
CA CYS B 262 -5.36 -9.25 -13.30
C CYS B 262 -5.06 -9.44 -14.79
N HIS B 263 -3.80 -9.62 -15.16
CA HIS B 263 -3.38 -9.81 -16.57
C HIS B 263 -3.78 -11.16 -17.23
N GLY B 264 -3.58 -11.24 -18.54
CA GLY B 264 -3.90 -12.48 -19.23
C GLY B 264 -2.75 -13.22 -19.90
N PHE B 265 -3.08 -14.17 -20.77
CA PHE B 265 -2.08 -14.97 -21.47
C PHE B 265 -1.68 -14.39 -22.83
N PRO B 266 -0.36 -14.39 -23.11
CA PRO B 266 0.68 -14.87 -22.19
C PRO B 266 1.43 -13.63 -21.67
N GLU B 267 0.87 -12.90 -20.71
CA GLU B 267 1.52 -11.66 -20.21
C GLU B 267 2.14 -11.64 -18.81
N SER B 268 2.19 -10.42 -18.25
CA SER B 268 2.72 -10.19 -16.91
C SER B 268 1.99 -9.00 -16.34
N TRP B 269 2.23 -8.69 -15.07
CA TRP B 269 1.60 -7.52 -14.45
C TRP B 269 2.10 -6.32 -15.26
N PHE B 270 3.31 -6.41 -15.80
CA PHE B 270 3.87 -5.32 -16.55
C PHE B 270 2.92 -4.69 -17.55
N SER B 271 1.98 -5.46 -18.09
CA SER B 271 0.98 -4.98 -19.07
C SER B 271 0.26 -3.66 -18.69
N TRP B 272 -0.36 -3.63 -17.52
CA TRP B 272 -1.05 -2.44 -17.06
C TRP B 272 -0.14 -1.21 -16.82
N ARG B 273 1.11 -1.35 -17.25
CA ARG B 273 2.08 -0.32 -17.08
C ARG B 273 1.61 1.06 -17.45
N TYR B 274 0.41 1.19 -18.00
CA TYR B 274 -0.05 2.51 -18.39
C TYR B 274 -1.27 2.96 -17.61
N GLN B 275 -1.94 1.97 -17.03
CA GLN B 275 -3.16 2.24 -16.31
C GLN B 275 -2.86 2.27 -14.83
N ILE B 276 -1.75 1.62 -14.48
CA ILE B 276 -1.30 1.57 -13.09
C ILE B 276 -1.17 3.01 -12.50
N PRO B 277 -0.24 3.84 -13.03
CA PRO B 277 -0.11 5.20 -12.52
C PRO B 277 -1.47 5.83 -12.51
N ALA B 278 -2.06 5.90 -13.70
CA ALA B 278 -3.39 6.49 -13.90
C ALA B 278 -4.45 6.08 -12.89
N LEU B 279 -4.51 4.82 -12.58
CA LEU B 279 -5.50 4.36 -11.61
C LEU B 279 -5.16 4.79 -10.21
N ALA B 280 -3.86 4.91 -9.94
CA ALA B 280 -3.36 5.35 -8.64
C ALA B 280 -3.85 6.77 -8.44
N GLN B 281 -3.50 7.60 -9.43
CA GLN B 281 -3.86 9.01 -9.49
C GLN B 281 -5.39 9.07 -9.43
N ALA B 282 -6.02 8.22 -10.22
CA ALA B 282 -7.46 8.18 -10.24
C ALA B 282 -7.90 8.36 -8.77
N GLY B 283 -7.18 7.70 -7.88
CA GLY B 283 -7.50 7.77 -6.48
C GLY B 283 -7.71 6.37 -5.93
N PHE B 284 -6.93 5.40 -6.40
CA PHE B 284 -7.08 4.05 -5.89
C PHE B 284 -5.74 3.42 -5.67
N ARG B 285 -5.76 2.38 -4.85
CA ARG B 285 -4.56 1.62 -4.53
C ARG B 285 -4.57 0.43 -5.50
N VAL B 286 -3.66 0.49 -6.47
CA VAL B 286 -3.55 -0.52 -7.51
C VAL B 286 -2.78 -1.73 -7.00
N LEU B 287 -3.16 -2.92 -7.39
CA LEU B 287 -2.44 -4.12 -6.98
C LEU B 287 -2.32 -4.96 -8.21
N ALA B 288 -1.44 -4.52 -9.12
CA ALA B 288 -1.22 -5.24 -10.37
C ALA B 288 -0.46 -6.59 -10.14
N ILE B 289 -1.22 -7.67 -10.04
CA ILE B 289 -0.67 -8.99 -9.78
C ILE B 289 -0.10 -9.78 -10.95
N ASP B 290 0.86 -10.65 -10.64
CA ASP B 290 1.48 -11.59 -11.58
C ASP B 290 0.61 -12.86 -11.42
N MET B 291 -0.19 -13.16 -12.43
CA MET B 291 -1.11 -14.29 -12.35
C MET B 291 -0.46 -15.60 -11.99
N LYS B 292 -1.08 -16.35 -11.09
CA LYS B 292 -0.48 -17.62 -10.71
C LYS B 292 0.25 -18.25 -11.92
N GLY B 293 1.47 -18.68 -11.74
CA GLY B 293 2.15 -19.28 -12.86
C GLY B 293 3.01 -18.32 -13.66
N TYR B 294 2.77 -17.02 -13.50
CA TYR B 294 3.56 -16.04 -14.25
C TYR B 294 4.50 -15.19 -13.44
N GLY B 295 5.57 -14.77 -14.09
CA GLY B 295 6.56 -13.90 -13.50
C GLY B 295 7.21 -14.29 -12.19
N ASP B 296 6.95 -13.49 -11.16
CA ASP B 296 7.53 -13.72 -9.84
C ASP B 296 6.68 -14.48 -8.83
N SER B 297 5.48 -14.90 -9.26
CA SER B 297 4.61 -15.71 -8.40
C SER B 297 4.95 -17.18 -8.69
N SER B 298 4.60 -18.05 -7.75
CA SER B 298 4.88 -19.49 -7.89
C SER B 298 4.17 -20.02 -9.12
N SER B 299 4.88 -20.79 -9.95
CA SER B 299 4.26 -21.34 -11.15
C SER B 299 4.60 -22.83 -11.22
N PRO B 300 3.86 -23.66 -10.47
CA PRO B 300 4.14 -25.09 -10.47
C PRO B 300 3.98 -25.77 -11.85
N PRO B 301 4.03 -27.12 -11.87
CA PRO B 301 3.87 -27.86 -13.10
C PRO B 301 2.46 -28.49 -13.16
N GLU B 302 1.98 -28.93 -11.98
CA GLU B 302 0.67 -29.58 -11.85
C GLU B 302 -0.40 -28.88 -12.66
N ILE B 303 -1.36 -29.65 -13.14
CA ILE B 303 -2.41 -29.06 -13.95
C ILE B 303 -3.58 -28.64 -13.10
N GLU B 304 -4.12 -29.55 -12.29
CA GLU B 304 -5.26 -29.23 -11.43
C GLU B 304 -4.98 -27.91 -10.75
N GLU B 305 -3.67 -27.68 -10.57
CA GLU B 305 -3.16 -26.47 -9.97
C GLU B 305 -3.76 -25.21 -10.55
N TYR B 306 -4.07 -25.18 -11.84
CA TYR B 306 -4.64 -23.98 -12.44
C TYR B 306 -6.13 -24.04 -12.70
N ALA B 307 -6.81 -24.92 -11.98
CA ALA B 307 -8.24 -25.05 -12.11
C ALA B 307 -8.79 -23.64 -11.84
N MET B 308 -9.92 -23.27 -12.44
CA MET B 308 -10.49 -21.93 -12.22
C MET B 308 -11.01 -21.89 -10.81
N GLU B 309 -11.64 -23.00 -10.41
CA GLU B 309 -12.14 -23.11 -9.05
C GLU B 309 -11.00 -22.69 -8.15
N LEU B 310 -9.82 -23.28 -8.37
CA LEU B 310 -8.62 -22.96 -7.60
C LEU B 310 -8.22 -21.49 -7.68
N LEU B 311 -7.77 -21.06 -8.84
CA LEU B 311 -7.35 -19.68 -9.04
C LEU B 311 -8.22 -18.66 -8.32
N CYS B 312 -9.54 -18.83 -8.39
CA CYS B 312 -10.45 -17.88 -7.73
C CYS B 312 -10.36 -17.96 -6.21
N LYS B 313 -10.40 -19.17 -5.68
CA LYS B 313 -10.27 -19.42 -4.24
C LYS B 313 -9.01 -18.70 -3.70
N GLU B 314 -7.86 -18.98 -4.30
CA GLU B 314 -6.59 -18.38 -3.89
C GLU B 314 -6.69 -16.88 -4.02
N MET B 315 -7.28 -16.47 -5.13
CA MET B 315 -7.44 -15.06 -5.33
C MET B 315 -8.05 -14.42 -4.07
N VAL B 316 -8.88 -15.17 -3.35
CA VAL B 316 -9.52 -14.71 -2.11
C VAL B 316 -8.53 -14.74 -0.93
N THR B 317 -7.88 -15.88 -0.75
CA THR B 317 -6.91 -16.02 0.32
C THR B 317 -5.95 -14.86 0.23
N PHE B 318 -5.78 -14.33 -0.99
CA PHE B 318 -4.91 -13.18 -1.22
C PHE B 318 -5.38 -11.96 -0.44
N LEU B 319 -6.66 -11.65 -0.60
CA LEU B 319 -7.23 -10.53 0.08
C LEU B 319 -7.06 -10.74 1.57
N ASP B 320 -7.50 -11.92 2.05
CA ASP B 320 -7.41 -12.31 3.47
C ASP B 320 -6.07 -11.99 4.14
N LYS B 321 -5.04 -12.60 3.56
CA LYS B 321 -3.65 -12.44 3.95
C LYS B 321 -3.31 -10.93 3.96
N LEU B 322 -3.55 -10.26 2.83
CA LEU B 322 -3.25 -8.83 2.74
C LEU B 322 -4.20 -7.96 3.60
N GLY B 323 -5.18 -8.65 4.21
CA GLY B 323 -6.16 -8.02 5.09
C GLY B 323 -7.22 -7.10 4.52
N ILE B 324 -7.45 -7.21 3.20
CA ILE B 324 -8.44 -6.40 2.49
C ILE B 324 -9.76 -7.16 2.38
N PRO B 325 -10.88 -6.53 2.76
CA PRO B 325 -12.14 -7.29 2.63
C PRO B 325 -12.90 -7.12 1.31
N GLN B 326 -12.40 -6.28 0.41
CA GLN B 326 -13.08 -6.08 -0.85
C GLN B 326 -12.20 -5.31 -1.83
N ALA B 327 -12.31 -5.64 -3.11
CA ALA B 327 -11.55 -4.94 -4.15
C ALA B 327 -12.33 -4.89 -5.47
N VAL B 328 -11.74 -4.16 -6.40
CA VAL B 328 -12.29 -3.97 -7.70
C VAL B 328 -11.42 -4.81 -8.60
N PHE B 329 -11.99 -5.93 -9.02
CA PHE B 329 -11.30 -6.84 -9.89
C PHE B 329 -11.47 -6.45 -11.33
N ILE B 330 -10.36 -6.30 -12.02
CA ILE B 330 -10.39 -5.89 -13.40
C ILE B 330 -9.53 -6.73 -14.33
N GLY B 331 -10.11 -7.85 -14.79
CA GLY B 331 -9.39 -8.76 -15.68
C GLY B 331 -9.44 -8.51 -17.19
N HIS B 332 -8.47 -9.03 -17.90
CA HIS B 332 -8.39 -8.92 -19.36
C HIS B 332 -7.91 -10.28 -19.79
N ASP B 333 -8.39 -10.75 -20.94
CA ASP B 333 -7.99 -12.07 -21.41
C ASP B 333 -8.45 -13.19 -20.41
N TRP B 334 -7.60 -14.21 -20.28
CA TRP B 334 -7.93 -15.34 -19.43
C TRP B 334 -8.28 -14.96 -17.99
N ALA B 335 -7.86 -13.75 -17.57
CA ALA B 335 -8.07 -13.25 -16.21
C ALA B 335 -9.49 -12.79 -16.04
N GLY B 336 -9.99 -12.11 -17.08
CA GLY B 336 -11.35 -11.61 -17.13
C GLY B 336 -12.29 -12.80 -16.90
N VAL B 337 -11.92 -13.94 -17.44
CA VAL B 337 -12.74 -15.10 -17.20
C VAL B 337 -12.83 -15.26 -15.68
N MET B 338 -11.67 -15.30 -15.04
CA MET B 338 -11.60 -15.47 -13.59
C MET B 338 -12.29 -14.35 -12.83
N VAL B 339 -12.00 -13.16 -13.28
CA VAL B 339 -12.53 -11.95 -12.76
C VAL B 339 -14.05 -12.01 -12.67
N TRP B 340 -14.70 -12.56 -13.70
CA TRP B 340 -16.19 -12.70 -13.73
C TRP B 340 -16.62 -13.84 -12.78
N ASN B 341 -15.82 -14.88 -12.73
CA ASN B 341 -16.12 -16.02 -11.87
C ASN B 341 -15.96 -15.60 -10.46
N MET B 342 -15.03 -14.65 -10.31
CA MET B 342 -14.73 -14.02 -9.03
C MET B 342 -16.10 -13.49 -8.59
N ALA B 343 -16.61 -12.57 -9.40
CA ALA B 343 -17.91 -11.94 -9.21
C ALA B 343 -19.05 -12.93 -8.93
N LEU B 344 -19.02 -14.05 -9.63
CA LEU B 344 -20.04 -15.07 -9.49
C LEU B 344 -19.95 -15.92 -8.21
N PHE B 345 -18.73 -16.23 -7.80
CA PHE B 345 -18.53 -17.06 -6.61
C PHE B 345 -18.21 -16.39 -5.27
N TYR B 346 -17.66 -15.19 -5.34
CA TYR B 346 -17.34 -14.43 -4.15
C TYR B 346 -17.70 -13.03 -4.54
N PRO B 347 -18.97 -12.68 -4.29
CA PRO B 347 -19.55 -11.36 -4.57
C PRO B 347 -19.27 -10.34 -3.46
N GLU B 348 -19.07 -10.87 -2.25
CA GLU B 348 -18.77 -10.05 -1.08
C GLU B 348 -17.46 -9.34 -1.30
N ARG B 349 -16.44 -10.15 -1.56
CA ARG B 349 -15.11 -9.62 -1.75
C ARG B 349 -14.97 -8.79 -3.01
N VAL B 350 -16.02 -8.78 -3.82
CA VAL B 350 -15.93 -7.98 -5.04
C VAL B 350 -16.81 -6.77 -4.86
N ARG B 351 -16.23 -5.57 -4.96
CA ARG B 351 -17.07 -4.36 -4.88
C ARG B 351 -17.58 -4.11 -6.32
N ALA B 352 -16.70 -4.38 -7.31
CA ALA B 352 -17.00 -4.21 -8.74
C ALA B 352 -16.11 -5.06 -9.62
N VAL B 353 -16.57 -5.33 -10.85
CA VAL B 353 -15.83 -6.13 -11.84
C VAL B 353 -15.80 -5.48 -13.19
N ALA B 354 -14.67 -5.64 -13.86
CA ALA B 354 -14.51 -5.13 -15.24
C ALA B 354 -13.76 -6.20 -16.08
N SER B 355 -14.26 -6.47 -17.28
CA SER B 355 -13.55 -7.40 -18.13
C SER B 355 -13.08 -6.64 -19.31
N LEU B 356 -11.96 -7.07 -19.85
CA LEU B 356 -11.43 -6.43 -21.02
C LEU B 356 -11.49 -7.47 -22.09
N ASN B 357 -12.27 -7.18 -23.13
CA ASN B 357 -12.45 -8.10 -24.27
C ASN B 357 -13.21 -9.36 -23.82
N THR B 358 -12.73 -10.05 -22.78
CA THR B 358 -13.42 -11.27 -22.33
C THR B 358 -14.85 -11.05 -21.84
N PRO B 359 -15.80 -11.83 -22.40
CA PRO B 359 -17.21 -11.73 -22.05
C PRO B 359 -17.48 -12.76 -21.02
N PHE B 360 -18.67 -12.70 -20.46
CA PHE B 360 -19.02 -13.68 -19.47
C PHE B 360 -19.58 -14.81 -20.30
N MET B 361 -18.84 -15.91 -20.41
CA MET B 361 -19.25 -17.06 -21.23
C MET B 361 -19.68 -18.31 -20.44
N PRO B 362 -20.91 -18.29 -19.87
CA PRO B 362 -21.36 -19.48 -19.12
C PRO B 362 -21.29 -20.80 -19.93
N PRO B 363 -21.32 -21.96 -19.24
CA PRO B 363 -21.26 -23.28 -19.86
C PRO B 363 -22.66 -23.90 -19.98
N ASP B 364 -22.93 -24.62 -21.06
CA ASP B 364 -24.22 -25.28 -21.29
C ASP B 364 -24.04 -26.66 -20.68
N PRO B 365 -24.85 -26.96 -19.68
CA PRO B 365 -24.86 -28.21 -18.94
C PRO B 365 -25.05 -29.43 -19.81
N ASP B 366 -25.66 -29.24 -20.97
CA ASP B 366 -25.93 -30.32 -21.90
C ASP B 366 -25.07 -30.24 -23.17
N VAL B 367 -23.85 -29.76 -23.01
CA VAL B 367 -22.95 -29.57 -24.12
C VAL B 367 -21.50 -29.72 -23.62
N SER B 368 -20.88 -30.88 -23.82
CA SER B 368 -19.49 -31.11 -23.37
C SER B 368 -18.73 -29.89 -23.89
N PRO B 369 -17.99 -29.23 -22.98
CA PRO B 369 -17.17 -28.02 -23.12
C PRO B 369 -16.14 -28.14 -24.20
N MET B 370 -15.58 -29.35 -24.28
CA MET B 370 -14.58 -29.64 -25.27
C MET B 370 -15.16 -29.51 -26.67
N LYS B 371 -16.27 -30.18 -26.86
CA LYS B 371 -16.94 -30.18 -28.13
C LYS B 371 -17.08 -28.77 -28.63
N VAL B 372 -17.53 -27.89 -27.75
CA VAL B 372 -17.74 -26.48 -28.10
C VAL B 372 -16.45 -25.76 -28.49
N ILE B 373 -15.32 -26.27 -28.05
CA ILE B 373 -14.07 -25.63 -28.38
C ILE B 373 -13.66 -26.04 -29.77
N ARG B 374 -14.00 -27.29 -30.11
CA ARG B 374 -13.70 -27.90 -31.42
C ARG B 374 -14.44 -27.27 -32.57
N SER B 375 -15.44 -26.48 -32.24
CA SER B 375 -16.25 -25.88 -33.26
C SER B 375 -15.86 -24.47 -33.68
N ILE B 376 -15.74 -23.58 -32.71
CA ILE B 376 -15.30 -22.23 -33.05
C ILE B 376 -14.00 -22.46 -33.86
N PRO B 377 -14.01 -22.06 -35.15
CA PRO B 377 -12.86 -22.21 -36.07
C PRO B 377 -11.58 -21.63 -35.49
N VAL B 378 -11.73 -20.42 -34.94
CA VAL B 378 -10.63 -19.65 -34.37
C VAL B 378 -10.04 -20.23 -33.07
N PHE B 379 -10.81 -21.06 -32.36
CA PHE B 379 -10.34 -21.66 -31.10
C PHE B 379 -9.44 -22.86 -31.30
N ASN B 380 -8.70 -22.87 -32.41
CA ASN B 380 -7.83 -24.01 -32.67
C ASN B 380 -6.58 -23.99 -31.80
N TYR B 381 -5.82 -22.91 -31.90
CA TYR B 381 -4.58 -22.76 -31.17
C TYR B 381 -4.87 -23.30 -29.79
N GLN B 382 -6.05 -22.96 -29.30
CA GLN B 382 -6.52 -23.36 -28.00
C GLN B 382 -6.52 -24.84 -27.82
N LEU B 383 -6.80 -25.56 -28.89
CA LEU B 383 -6.82 -27.02 -28.82
C LEU B 383 -5.40 -27.53 -28.88
N TYR B 384 -4.64 -26.88 -29.76
CA TYR B 384 -3.22 -27.17 -29.97
C TYR B 384 -2.55 -27.26 -28.62
N PHE B 385 -2.85 -26.23 -27.83
CA PHE B 385 -2.33 -26.08 -26.49
C PHE B 385 -2.62 -27.29 -25.64
N GLN B 386 -3.87 -27.71 -25.58
CA GLN B 386 -4.18 -28.85 -24.77
C GLN B 386 -3.10 -29.93 -24.63
N GLU B 387 -2.26 -30.14 -25.64
CA GLU B 387 -1.23 -31.15 -25.43
C GLU B 387 0.08 -30.65 -24.76
N PRO B 388 0.33 -31.10 -23.50
CA PRO B 388 1.47 -30.81 -22.61
C PRO B 388 2.88 -30.93 -23.16
N GLY B 389 3.65 -29.85 -23.05
CA GLY B 389 5.05 -29.86 -23.49
C GLY B 389 5.29 -29.38 -24.90
N VAL B 390 4.26 -29.61 -25.71
CA VAL B 390 4.22 -29.26 -27.14
C VAL B 390 4.39 -27.78 -27.47
N ALA B 391 3.34 -26.98 -27.21
CA ALA B 391 3.40 -25.55 -27.48
C ALA B 391 4.46 -24.88 -26.58
N GLU B 392 4.78 -25.55 -25.46
CA GLU B 392 5.81 -25.08 -24.54
C GLU B 392 7.06 -25.01 -25.41
N ALA B 393 7.43 -26.20 -25.86
CA ALA B 393 8.55 -26.41 -26.72
C ALA B 393 8.59 -25.42 -27.88
N GLU B 394 7.44 -25.16 -28.51
CA GLU B 394 7.37 -24.22 -29.64
C GLU B 394 7.65 -22.74 -29.28
N LEU B 395 6.88 -22.25 -28.31
CA LEU B 395 7.00 -20.89 -27.83
C LEU B 395 8.40 -20.66 -27.22
N GLU B 396 8.76 -21.49 -26.25
CA GLU B 396 10.04 -21.37 -25.59
C GLU B 396 11.27 -21.23 -26.52
N LYS B 397 11.48 -22.18 -27.43
CA LYS B 397 12.63 -22.15 -28.36
C LYS B 397 13.26 -20.77 -28.61
N ASN B 398 12.47 -19.75 -28.88
CA ASN B 398 13.09 -18.45 -29.07
C ASN B 398 12.04 -17.39 -28.74
N MET B 399 12.03 -17.02 -27.46
CA MET B 399 11.09 -16.06 -26.91
C MET B 399 11.14 -14.73 -27.62
N SER B 400 12.33 -14.36 -28.08
CA SER B 400 12.48 -13.11 -28.80
C SER B 400 11.42 -13.01 -29.90
N ARG B 401 11.27 -14.10 -30.68
CA ARG B 401 10.26 -14.17 -31.75
C ARG B 401 8.91 -14.28 -31.07
N THR B 402 8.75 -15.32 -30.27
CA THR B 402 7.48 -15.52 -29.57
C THR B 402 6.73 -14.24 -29.23
N PHE B 403 7.35 -13.35 -28.48
CA PHE B 403 6.59 -12.16 -28.07
C PHE B 403 6.20 -11.16 -29.11
N LYS B 404 7.13 -10.78 -30.01
CA LYS B 404 6.80 -9.82 -31.07
C LYS B 404 5.70 -10.37 -32.00
N SER B 405 5.61 -11.70 -32.07
CA SER B 405 4.62 -12.37 -32.88
C SER B 405 3.29 -12.21 -32.19
N PHE B 406 3.24 -12.61 -30.93
CA PHE B 406 2.03 -12.49 -30.15
C PHE B 406 1.53 -11.08 -30.08
N PHE B 407 2.38 -10.18 -29.62
CA PHE B 407 1.99 -8.78 -29.45
C PHE B 407 2.20 -7.97 -30.68
N ARG B 408 1.10 -7.80 -31.39
CA ARG B 408 1.09 -7.01 -32.59
C ARG B 408 -0.26 -6.36 -32.46
N ALA B 409 -0.48 -5.30 -33.25
CA ALA B 409 -1.71 -4.49 -33.24
C ALA B 409 -2.96 -5.05 -33.90
N SER B 410 -3.70 -4.16 -34.54
CA SER B 410 -4.92 -4.51 -35.24
C SER B 410 -4.65 -4.24 -36.71
N ASP B 411 -3.49 -3.63 -36.98
CA ASP B 411 -3.06 -3.33 -38.35
C ASP B 411 -1.64 -3.84 -38.48
N GLU B 412 -1.44 -5.08 -38.02
CA GLU B 412 -0.12 -5.67 -38.04
C GLU B 412 -0.12 -7.07 -38.62
N THR B 413 0.73 -7.24 -39.62
CA THR B 413 0.91 -8.50 -40.31
C THR B 413 1.85 -9.43 -39.51
N GLY B 414 1.67 -10.74 -39.67
CA GLY B 414 2.49 -11.73 -39.00
C GLY B 414 1.95 -12.22 -37.67
N PHE B 415 0.64 -12.01 -37.44
CA PHE B 415 0.04 -12.42 -36.18
C PHE B 415 0.24 -13.92 -35.84
N ILE B 416 -0.70 -14.47 -35.09
CA ILE B 416 -0.64 -15.87 -34.66
C ILE B 416 -1.56 -16.73 -35.56
N ALA B 417 -1.50 -18.06 -35.40
CA ALA B 417 -2.30 -18.99 -36.20
C ALA B 417 -3.42 -19.58 -35.40
N VAL B 418 -4.26 -18.72 -34.88
CA VAL B 418 -5.40 -19.13 -34.07
C VAL B 418 -6.01 -20.49 -34.45
N HIS B 419 -6.48 -20.60 -35.70
CA HIS B 419 -7.13 -21.83 -36.19
C HIS B 419 -6.35 -22.81 -37.05
N LYS B 420 -5.44 -22.33 -37.91
CA LYS B 420 -4.69 -23.29 -38.75
C LYS B 420 -3.76 -24.19 -37.92
N ALA B 421 -3.30 -23.67 -36.78
CA ALA B 421 -2.41 -24.32 -35.83
C ALA B 421 -2.05 -25.80 -36.05
N THR B 422 -2.82 -26.68 -35.42
CA THR B 422 -2.61 -28.14 -35.49
C THR B 422 -2.08 -28.71 -36.80
N GLU B 423 -2.71 -28.32 -37.92
CA GLU B 423 -2.32 -28.77 -39.25
C GLU B 423 -0.84 -28.57 -39.40
N ILE B 424 -0.43 -27.31 -39.54
CA ILE B 424 0.99 -26.99 -39.63
C ILE B 424 1.78 -27.41 -38.33
N GLY B 425 1.04 -27.77 -37.26
CA GLY B 425 1.69 -28.17 -36.04
C GLY B 425 2.47 -27.01 -35.48
N GLY B 426 1.74 -25.90 -35.23
CA GLY B 426 2.32 -24.69 -34.66
C GLY B 426 1.52 -23.40 -34.84
N ILE B 427 1.88 -22.36 -34.06
CA ILE B 427 1.23 -21.00 -34.11
C ILE B 427 2.15 -19.93 -34.71
N LEU B 428 3.46 -20.17 -34.60
CA LEU B 428 4.50 -19.27 -35.12
C LEU B 428 5.21 -19.91 -36.33
N VAL B 429 4.57 -20.95 -36.86
CA VAL B 429 5.06 -21.71 -38.01
C VAL B 429 5.17 -20.81 -39.24
N ASN B 430 4.16 -19.98 -39.45
CA ASN B 430 4.14 -19.08 -40.58
C ASN B 430 4.58 -17.71 -40.16
N THR B 431 4.62 -17.48 -38.84
CA THR B 431 5.09 -16.21 -38.33
C THR B 431 6.58 -16.22 -38.64
N PRO B 432 7.07 -15.24 -39.41
CA PRO B 432 8.49 -15.18 -39.78
C PRO B 432 9.34 -15.60 -38.59
N GLU B 433 10.54 -16.13 -38.82
CA GLU B 433 11.36 -16.51 -37.67
C GLU B 433 12.40 -15.43 -37.50
N ASP B 434 11.90 -14.23 -37.20
CA ASP B 434 12.69 -13.00 -37.07
C ASP B 434 11.87 -11.67 -36.88
N PRO B 435 10.54 -11.74 -36.55
CA PRO B 435 9.50 -10.72 -36.35
C PRO B 435 9.96 -9.27 -36.30
N ASN B 436 9.16 -8.41 -36.93
CA ASN B 436 9.38 -6.97 -36.98
C ASN B 436 8.85 -6.45 -35.63
N LEU B 437 9.52 -5.48 -35.03
CA LEU B 437 9.05 -4.99 -33.74
C LEU B 437 7.73 -4.27 -33.88
N SER B 438 6.70 -4.86 -33.28
CA SER B 438 5.38 -4.30 -33.29
C SER B 438 5.47 -2.83 -32.87
N LYS B 439 4.83 -1.93 -33.60
CA LYS B 439 4.88 -0.50 -33.24
C LYS B 439 4.22 -0.25 -31.89
N ILE B 440 3.78 -1.34 -31.27
CA ILE B 440 3.07 -1.27 -30.02
C ILE B 440 3.89 -1.72 -28.81
N THR B 441 5.17 -1.88 -29.02
CA THR B 441 6.08 -2.26 -27.94
C THR B 441 7.46 -1.73 -28.30
N THR B 442 8.38 -1.81 -27.32
CA THR B 442 9.75 -1.36 -27.52
C THR B 442 10.61 -2.60 -27.34
N GLU B 443 11.90 -2.48 -27.61
CA GLU B 443 12.77 -3.65 -27.50
C GLU B 443 12.93 -4.11 -26.06
N GLU B 444 12.89 -3.14 -25.15
CA GLU B 444 13.04 -3.40 -23.73
C GLU B 444 11.72 -3.95 -23.25
N GLU B 445 10.63 -3.37 -23.76
CA GLU B 445 9.29 -3.80 -23.41
C GLU B 445 9.24 -5.32 -23.61
N ILE B 446 9.93 -5.76 -24.64
CA ILE B 446 9.96 -7.16 -24.94
C ILE B 446 10.89 -7.88 -23.99
N GLU B 447 12.14 -7.41 -23.93
CA GLU B 447 13.15 -7.98 -23.05
C GLU B 447 12.59 -8.28 -21.65
N PHE B 448 11.76 -7.39 -21.14
CA PHE B 448 11.19 -7.64 -19.82
C PHE B 448 10.39 -8.94 -19.87
N TYR B 449 9.36 -8.94 -20.73
CA TYR B 449 8.50 -10.14 -20.89
C TYR B 449 9.34 -11.43 -20.95
N ILE B 450 10.42 -11.38 -21.70
CA ILE B 450 11.34 -12.49 -21.83
C ILE B 450 11.85 -12.91 -20.47
N GLN B 451 12.63 -12.00 -19.87
CA GLN B 451 13.27 -12.21 -18.55
C GLN B 451 12.25 -12.71 -17.56
N GLN B 452 11.12 -12.05 -17.58
CA GLN B 452 10.06 -12.40 -16.68
C GLN B 452 9.57 -13.85 -16.95
N PHE B 453 9.77 -14.30 -18.20
CA PHE B 453 9.30 -15.63 -18.60
C PHE B 453 10.33 -16.71 -18.51
N LYS B 454 11.59 -16.30 -18.44
CA LYS B 454 12.70 -17.25 -18.35
C LYS B 454 12.60 -17.96 -17.02
N LYS B 455 12.10 -17.24 -16.02
CA LYS B 455 11.92 -17.81 -14.69
C LYS B 455 10.83 -18.87 -14.69
N THR B 456 9.70 -18.60 -15.33
CA THR B 456 8.58 -19.55 -15.36
C THR B 456 8.53 -20.58 -16.50
N GLY B 457 9.15 -20.27 -17.63
CA GLY B 457 9.02 -21.20 -18.74
C GLY B 457 7.55 -21.01 -19.14
N PHE B 458 6.99 -21.87 -20.00
CA PHE B 458 5.61 -21.71 -20.43
C PHE B 458 4.57 -22.70 -19.93
N ARG B 459 5.04 -23.78 -19.34
CA ARG B 459 4.15 -24.77 -18.80
C ARG B 459 2.94 -24.11 -18.13
N GLY B 460 3.21 -23.59 -16.93
CA GLY B 460 2.22 -22.93 -16.07
C GLY B 460 1.33 -21.90 -16.72
N PRO B 461 1.86 -20.98 -17.50
CA PRO B 461 0.89 -20.05 -18.07
C PRO B 461 -0.12 -20.81 -18.94
N LEU B 462 0.36 -21.80 -19.70
CA LEU B 462 -0.47 -22.61 -20.60
C LEU B 462 -1.44 -23.52 -19.85
N ASN B 463 -1.03 -23.96 -18.67
CA ASN B 463 -1.84 -24.82 -17.82
C ASN B 463 -3.29 -24.27 -17.56
N TRP B 464 -3.51 -22.99 -17.93
CA TRP B 464 -4.80 -22.28 -17.77
C TRP B 464 -5.87 -22.80 -18.73
N TYR B 465 -5.40 -23.22 -19.90
CA TYR B 465 -6.22 -23.80 -20.96
C TYR B 465 -6.69 -25.17 -20.49
N ARG B 466 -5.70 -26.00 -20.24
CA ARG B 466 -5.80 -27.39 -19.81
C ARG B 466 -6.69 -27.84 -18.65
N ASN B 467 -7.62 -27.01 -18.21
CA ASN B 467 -8.49 -27.46 -17.13
C ASN B 467 -9.88 -27.22 -17.65
N THR B 468 -9.98 -27.40 -18.95
CA THR B 468 -11.20 -27.25 -19.76
C THR B 468 -12.48 -27.89 -19.21
N GLU B 469 -12.44 -29.19 -18.99
CA GLU B 469 -13.61 -29.91 -18.49
C GLU B 469 -14.05 -29.48 -17.11
N ARG B 470 -13.13 -29.55 -16.15
CA ARG B 470 -13.40 -29.20 -14.76
C ARG B 470 -13.95 -27.81 -14.63
N ASN B 471 -13.28 -26.85 -15.25
CA ASN B 471 -13.73 -25.48 -15.20
C ASN B 471 -15.21 -25.47 -15.51
N TRP B 472 -15.57 -26.14 -16.61
CA TRP B 472 -16.97 -26.23 -17.02
C TRP B 472 -17.75 -26.85 -15.85
N LYS B 473 -17.27 -28.00 -15.39
CA LYS B 473 -17.85 -28.74 -14.28
C LYS B 473 -18.23 -27.88 -13.10
N TRP B 474 -17.31 -26.99 -12.76
CA TRP B 474 -17.42 -26.07 -11.63
C TRP B 474 -18.39 -24.93 -11.92
N SER B 475 -18.13 -24.14 -12.96
CA SER B 475 -19.02 -23.02 -13.31
C SER B 475 -20.48 -23.44 -13.49
N CYS B 476 -20.68 -24.72 -13.68
CA CYS B 476 -22.01 -25.27 -13.87
C CYS B 476 -22.79 -25.21 -12.56
N LYS B 477 -22.63 -24.12 -11.84
CA LYS B 477 -23.31 -23.98 -10.57
C LYS B 477 -23.77 -22.56 -10.48
N GLY B 478 -23.03 -21.69 -11.16
CA GLY B 478 -23.39 -20.28 -11.22
C GLY B 478 -24.39 -20.17 -12.36
N LEU B 479 -24.98 -21.33 -12.64
CA LEU B 479 -25.96 -21.46 -13.71
C LEU B 479 -27.30 -20.94 -13.20
N GLY B 480 -27.54 -21.12 -11.92
CA GLY B 480 -28.78 -20.64 -11.34
C GLY B 480 -28.69 -19.19 -10.89
N ARG B 481 -27.47 -18.73 -10.66
CA ARG B 481 -27.23 -17.36 -10.20
C ARG B 481 -27.13 -16.31 -11.29
N LYS B 482 -27.11 -15.07 -10.83
CA LYS B 482 -27.02 -13.88 -11.65
C LYS B 482 -25.99 -12.91 -10.97
N ILE B 483 -25.28 -12.14 -11.79
CA ILE B 483 -24.28 -11.21 -11.31
C ILE B 483 -24.90 -9.83 -11.02
N LEU B 484 -24.78 -9.37 -9.76
CA LEU B 484 -25.40 -8.10 -9.37
C LEU B 484 -24.48 -6.92 -9.02
N VAL B 485 -23.34 -7.26 -8.43
CA VAL B 485 -22.29 -6.30 -8.07
C VAL B 485 -21.93 -5.50 -9.34
N PRO B 486 -21.66 -4.20 -9.24
CA PRO B 486 -21.31 -3.43 -10.47
C PRO B 486 -20.39 -4.12 -11.50
N ALA B 487 -20.77 -4.04 -12.77
CA ALA B 487 -19.98 -4.67 -13.82
C ALA B 487 -19.74 -3.81 -15.04
N LEU B 488 -18.66 -4.11 -15.73
CA LEU B 488 -18.33 -3.38 -16.93
C LEU B 488 -17.79 -4.34 -17.98
N MET B 489 -18.28 -4.24 -19.21
CA MET B 489 -17.76 -5.08 -20.26
C MET B 489 -17.25 -4.12 -21.28
N VAL B 490 -15.95 -4.14 -21.45
CA VAL B 490 -15.34 -3.28 -22.44
C VAL B 490 -14.89 -4.22 -23.54
N THR B 491 -15.41 -3.95 -24.74
CA THR B 491 -15.12 -4.75 -25.93
C THR B 491 -14.17 -4.10 -26.93
N ALA B 492 -13.32 -4.90 -27.56
CA ALA B 492 -12.35 -4.39 -28.53
C ALA B 492 -12.86 -4.72 -29.94
N GLU B 493 -13.17 -3.68 -30.72
CA GLU B 493 -13.71 -3.82 -32.09
C GLU B 493 -13.09 -4.90 -33.00
N LYS B 494 -11.75 -4.95 -33.07
CA LYS B 494 -11.09 -5.91 -33.94
C LYS B 494 -10.31 -7.08 -33.27
N ASP B 495 -10.87 -7.61 -32.19
CA ASP B 495 -10.23 -8.71 -31.48
C ASP B 495 -10.64 -9.93 -32.25
N ILE B 496 -9.63 -10.58 -32.82
CA ILE B 496 -9.80 -11.75 -33.65
C ILE B 496 -10.53 -12.91 -32.97
N VAL B 497 -10.09 -13.31 -31.79
CA VAL B 497 -10.82 -14.36 -31.07
C VAL B 497 -11.31 -13.52 -29.94
N LEU B 498 -12.47 -13.82 -29.36
CA LEU B 498 -12.99 -12.95 -28.27
C LEU B 498 -13.56 -11.63 -28.84
N ARG B 499 -14.12 -11.77 -30.03
CA ARG B 499 -14.70 -10.65 -30.71
C ARG B 499 -15.92 -10.18 -29.87
N PRO B 500 -16.35 -8.92 -30.07
CA PRO B 500 -17.47 -8.29 -29.36
C PRO B 500 -18.75 -9.05 -29.41
N GLU B 501 -19.05 -9.54 -30.61
CA GLU B 501 -20.26 -10.33 -30.90
C GLU B 501 -20.60 -11.35 -29.79
N MET B 502 -19.57 -12.01 -29.24
CA MET B 502 -19.73 -13.04 -28.18
C MET B 502 -20.24 -12.55 -26.82
N SER B 503 -20.49 -11.25 -26.69
CA SER B 503 -20.95 -10.69 -25.44
C SER B 503 -22.35 -10.16 -25.51
N LYS B 504 -22.99 -10.30 -26.66
CA LYS B 504 -24.32 -9.78 -26.85
C LYS B 504 -25.38 -10.36 -25.91
N ASN B 505 -25.15 -11.56 -25.40
CA ASN B 505 -26.17 -12.12 -24.52
C ASN B 505 -26.00 -11.80 -23.04
N MET B 506 -24.77 -11.45 -22.65
CA MET B 506 -24.38 -11.13 -21.26
C MET B 506 -25.44 -10.59 -20.29
N GLU B 507 -26.16 -9.54 -20.69
CA GLU B 507 -27.20 -8.96 -19.85
C GLU B 507 -28.30 -9.94 -19.46
N LYS B 508 -28.26 -11.15 -20.00
CA LYS B 508 -29.28 -12.12 -19.67
C LYS B 508 -28.85 -12.54 -18.30
N TRP B 509 -27.54 -12.42 -18.10
CA TRP B 509 -26.85 -12.79 -16.86
C TRP B 509 -26.51 -11.61 -16.01
N ILE B 510 -26.09 -10.56 -16.69
CA ILE B 510 -25.69 -9.36 -16.02
C ILE B 510 -26.47 -8.11 -16.36
N PRO B 511 -27.64 -7.95 -15.71
CA PRO B 511 -28.54 -6.79 -15.88
C PRO B 511 -27.71 -5.61 -15.39
N PHE B 512 -27.92 -4.46 -16.02
CA PHE B 512 -27.20 -3.22 -15.68
C PHE B 512 -25.79 -3.25 -16.23
N LEU B 513 -25.33 -4.41 -16.72
CA LEU B 513 -23.99 -4.47 -17.27
C LEU B 513 -23.70 -3.15 -18.04
N LYS B 514 -22.66 -2.42 -17.66
CA LYS B 514 -22.38 -1.18 -18.37
C LYS B 514 -21.45 -1.51 -19.49
N ARG B 515 -21.38 -0.66 -20.50
CA ARG B 515 -20.54 -1.04 -21.61
C ARG B 515 -19.41 -0.14 -22.02
N GLY B 516 -18.40 -0.78 -22.56
CA GLY B 516 -17.29 0.00 -23.03
C GLY B 516 -16.91 -0.58 -24.35
N HIS B 517 -16.63 0.30 -25.32
CA HIS B 517 -16.23 -0.13 -26.62
C HIS B 517 -15.11 0.70 -27.23
N ILE B 518 -14.01 0.04 -27.54
CA ILE B 518 -12.85 0.71 -28.15
C ILE B 518 -12.65 0.30 -29.63
N GLU B 519 -12.75 1.27 -30.54
CA GLU B 519 -12.58 1.02 -31.97
C GLU B 519 -11.12 0.76 -32.33
N ASP B 520 -10.90 0.06 -33.45
CA ASP B 520 -9.53 -0.24 -33.92
C ASP B 520 -8.68 -1.03 -32.94
N CYS B 521 -9.29 -1.90 -32.14
CA CYS B 521 -8.53 -2.66 -31.17
C CYS B 521 -8.04 -4.07 -31.50
N GLY B 522 -6.94 -4.46 -30.84
CA GLY B 522 -6.35 -5.77 -31.02
C GLY B 522 -6.76 -6.51 -29.77
N HIS B 523 -6.06 -7.60 -29.47
CA HIS B 523 -6.38 -8.35 -28.27
C HIS B 523 -5.61 -7.69 -27.15
N TRP B 524 -4.57 -6.97 -27.58
CA TRP B 524 -3.68 -6.22 -26.69
C TRP B 524 -4.22 -4.83 -26.42
N THR B 525 -5.33 -4.78 -25.70
CA THR B 525 -6.06 -3.57 -25.39
C THR B 525 -5.32 -2.44 -24.66
N GLN B 526 -4.83 -2.75 -23.46
CA GLN B 526 -4.10 -1.79 -22.62
C GLN B 526 -2.88 -1.21 -23.35
N ILE B 527 -2.09 -2.11 -23.89
CA ILE B 527 -0.89 -1.74 -24.60
C ILE B 527 -1.18 -1.04 -25.92
N GLU B 528 -2.36 -1.27 -26.48
CA GLU B 528 -2.73 -0.71 -27.78
C GLU B 528 -3.52 0.61 -27.78
N LYS B 529 -4.56 0.69 -26.96
CA LYS B 529 -5.36 1.91 -26.86
C LYS B 529 -5.41 2.17 -25.37
N PRO B 530 -4.30 2.68 -24.78
CA PRO B 530 -4.36 2.89 -23.32
C PRO B 530 -5.10 4.14 -22.88
N THR B 531 -4.67 5.27 -23.41
CA THR B 531 -5.26 6.54 -23.06
C THR B 531 -6.78 6.39 -22.99
N GLU B 532 -7.32 5.59 -23.92
CA GLU B 532 -8.75 5.35 -23.95
C GLU B 532 -9.10 4.51 -22.73
N VAL B 533 -8.58 3.29 -22.71
CA VAL B 533 -8.82 2.35 -21.63
C VAL B 533 -8.87 3.07 -20.28
N ASN B 534 -7.87 3.91 -20.07
CA ASN B 534 -7.76 4.67 -18.84
C ASN B 534 -9.08 5.38 -18.68
N GLN B 535 -9.28 6.41 -19.50
CA GLN B 535 -10.53 7.21 -19.49
C GLN B 535 -11.75 6.43 -19.02
N ILE B 536 -12.16 5.49 -19.86
CA ILE B 536 -13.29 4.63 -19.58
C ILE B 536 -13.25 4.03 -18.17
N LEU B 537 -12.12 3.36 -17.89
CA LEU B 537 -11.87 2.68 -16.64
C LEU B 537 -12.09 3.57 -15.47
N ILE B 538 -11.50 4.76 -15.56
CA ILE B 538 -11.64 5.77 -14.51
C ILE B 538 -13.08 6.21 -14.43
N LYS B 539 -13.57 6.79 -15.53
CA LYS B 539 -14.95 7.29 -15.65
C LYS B 539 -15.91 6.27 -15.06
N TRP B 540 -15.52 5.01 -15.19
CA TRP B 540 -16.34 3.94 -14.65
C TRP B 540 -16.30 4.00 -13.14
N LEU B 541 -15.08 3.84 -12.60
CA LEU B 541 -14.86 3.86 -11.17
C LEU B 541 -15.39 5.14 -10.53
N GLN B 542 -15.18 6.27 -11.23
CA GLN B 542 -15.70 7.55 -10.75
C GLN B 542 -17.21 7.35 -10.65
N THR B 543 -17.91 7.32 -11.79
CA THR B 543 -19.36 7.13 -11.81
C THR B 543 -19.83 6.03 -10.82
N GLU B 544 -19.75 4.73 -11.18
CA GLU B 544 -20.18 3.66 -10.25
C GLU B 544 -19.03 2.95 -9.49
C1 CIU C . 17.71 -0.15 24.63
C2 CIU C . 17.19 1.04 23.77
C3 CIU C . 17.27 2.43 24.55
C4 CIU C . 16.46 2.38 25.94
C5 CIU C . 16.98 1.21 26.89
C6 CIU C . 17.07 -0.20 26.11
N1 CIU C . 16.73 3.49 23.64
C7 CIU C . 17.28 4.60 23.25
O2 CIU C . 18.50 4.63 23.39
N2 CIU C . 16.56 5.59 22.74
C8 CIU C . 16.82 6.91 22.26
I4 CIU C . 17.73 11.63 20.46
C9 CIU C . 18.12 7.46 22.27
C10 CIU C . 18.37 8.75 21.78
C11 CIU C . 17.29 9.56 21.26
C12 CIU C . 15.93 8.98 21.25
C13 CIU C . 15.71 7.68 21.74
C1 CIU D . -2.35 -14.85 -27.45
C2 CIU D . -3.40 -14.89 -26.31
C3 CIU D . -4.85 -15.28 -26.85
C4 CIU D . -5.35 -14.27 -28.00
C5 CIU D . -4.32 -14.21 -29.21
C6 CIU D . -2.80 -13.97 -28.72
N1 CIU D . -5.80 -15.27 -25.68
C7 CIU D . -6.59 -16.20 -25.25
O2 CIU D . -6.31 -17.32 -25.66
N2 CIU D . -7.59 -15.92 -24.44
C8 CIU D . -8.64 -16.68 -23.82
I4 CIU D . -12.40 -19.34 -21.54
C9 CIU D . -8.80 -18.05 -24.04
C10 CIU D . -9.84 -18.79 -23.42
C11 CIU D . -10.76 -18.13 -22.54
C12 CIU D . -10.61 -16.69 -22.31
C13 CIU D . -9.56 -15.98 -22.95
#